data_6LYI
#
_entry.id   6LYI
#
_cell.length_a   144.768
_cell.length_b   144.768
_cell.length_c   76.180
_cell.angle_alpha   90.000
_cell.angle_beta   90.000
_cell.angle_gamma   120.000
#
_symmetry.space_group_name_H-M   'P 65'
#
loop_
_entity.id
_entity.type
_entity.pdbx_description
1 polymer 'N-methyltransferase CkTbS'
2 water water
#
_entity_poly.entity_id   1
_entity_poly.type   'polypeptide(L)'
_entity_poly.pdbx_seq_one_letter_code
;SMELATMGKVNEVLFMNGGEGEISYAQNSSFTEKVASMAMPALENAVETLFSKDFHLLPALNAADLGCAAGPNTFAVISM
IKRMMEKKCRELYCQTPELQVYLNDLFGNDFNTLFKGLSSEVVGNKCEEVSCYVMGVPGSFHGRLFPRNSLHLVHSSYSV
HWLTQAPKGLTSREGLALNKGKIYISKTSPPAVKEAYLSQFHEDFTMFLNARSQEVVPNGCMVLILHGRQSSDPSEMESC
FTWELLAIAIAELVSQGLIDEDKLDTFNVPSYFPSLEEVKDIVERDGSFTIDHLEGFELDSLEMQENDKWVRGDKFAKMV
RAFTEPIISNQFGHEIMDKLYDKFTHIVVSDLEAELPKTTSIILVLSKIVG
;
_entity_poly.pdbx_strand_id   A,B
#
# COMPACT_ATOMS: atom_id res chain seq x y z
N SER A 29 -9.99 -23.73 8.33
CA SER A 29 -11.25 -23.01 8.44
C SER A 29 -12.25 -23.78 9.31
N SER A 30 -11.79 -24.26 10.46
CA SER A 30 -12.69 -24.92 11.42
C SER A 30 -13.51 -23.88 12.16
N PHE A 31 -13.01 -22.64 12.17
CA PHE A 31 -13.74 -21.52 12.78
C PHE A 31 -14.92 -21.14 11.92
N THR A 32 -14.67 -20.97 10.63
CA THR A 32 -15.69 -20.61 9.66
C THR A 32 -16.81 -21.62 9.68
N GLU A 33 -16.41 -22.84 9.98
CA GLU A 33 -17.34 -23.96 10.03
C GLU A 33 -18.42 -23.71 11.07
N LYS A 34 -18.00 -23.18 12.22
CA LYS A 34 -18.92 -22.91 13.33
C LYS A 34 -19.80 -21.70 13.03
N VAL A 35 -19.24 -20.72 12.31
CA VAL A 35 -19.97 -19.51 11.96
C VAL A 35 -21.17 -19.81 11.07
N ALA A 36 -20.93 -20.63 10.04
CA ALA A 36 -21.94 -20.97 9.04
C ALA A 36 -23.08 -21.85 9.59
N SER A 37 -22.80 -22.59 10.65
CA SER A 37 -23.83 -23.37 11.32
C SER A 37 -24.78 -22.46 12.08
N MET A 38 -24.26 -21.32 12.55
CA MET A 38 -25.02 -20.37 13.36
C MET A 38 -25.88 -19.44 12.52
N ALA A 39 -25.40 -19.13 11.32
CA ALA A 39 -26.11 -18.26 10.40
C ALA A 39 -27.03 -19.03 9.46
N MET A 40 -26.88 -20.36 9.40
CA MET A 40 -27.71 -21.19 8.54
C MET A 40 -29.21 -21.14 8.95
N PRO A 41 -29.53 -21.09 10.27
CA PRO A 41 -30.93 -20.84 10.61
C PRO A 41 -31.43 -19.51 10.05
N ALA A 42 -30.62 -18.47 10.15
CA ALA A 42 -30.97 -17.15 9.62
C ALA A 42 -31.01 -17.14 8.09
N LEU A 43 -30.30 -18.07 7.45
CA LEU A 43 -30.32 -18.20 5.99
C LEU A 43 -31.62 -18.88 5.55
N GLU A 44 -32.02 -19.92 6.28
CA GLU A 44 -33.28 -20.64 6.04
C GLU A 44 -34.50 -19.73 6.23
N ASN A 45 -34.55 -19.01 7.34
CA ASN A 45 -35.67 -18.10 7.65
C ASN A 45 -35.88 -17.05 6.57
N ALA A 46 -34.78 -16.69 5.92
CA ALA A 46 -34.77 -15.64 4.91
C ALA A 46 -35.13 -16.16 3.51
N VAL A 47 -34.55 -17.29 3.11
CA VAL A 47 -34.86 -17.92 1.83
C VAL A 47 -36.32 -18.37 1.79
N GLU A 48 -36.82 -18.82 2.94
CA GLU A 48 -38.21 -19.23 3.06
C GLU A 48 -39.14 -18.03 3.01
N THR A 49 -38.65 -16.85 3.37
CA THR A 49 -39.45 -15.63 3.31
C THR A 49 -39.60 -15.18 1.85
N LEU A 50 -38.82 -15.78 0.96
CA LEU A 50 -38.98 -15.57 -0.48
C LEU A 50 -39.98 -16.54 -1.05
N PHE A 51 -40.55 -17.37 -0.18
CA PHE A 51 -41.59 -18.32 -0.59
C PHE A 51 -42.93 -17.89 -0.03
N SER A 52 -42.90 -17.03 0.99
CA SER A 52 -44.12 -16.43 1.53
C SER A 52 -44.73 -15.51 0.48
N LYS A 53 -43.88 -14.72 -0.17
CA LYS A 53 -44.26 -13.98 -1.35
C LYS A 53 -44.18 -14.92 -2.56
N ASP A 54 -44.70 -14.49 -3.70
CA ASP A 54 -44.75 -15.38 -4.88
C ASP A 54 -44.26 -14.70 -6.17
N PHE A 55 -42.96 -14.76 -6.53
CA PHE A 55 -41.81 -15.30 -5.77
C PHE A 55 -41.85 -16.81 -5.45
N HIS A 56 -42.79 -17.53 -6.05
CA HIS A 56 -42.92 -18.96 -5.79
C HIS A 56 -42.99 -19.74 -7.10
N LEU A 57 -43.71 -19.17 -8.06
CA LEU A 57 -43.90 -19.80 -9.37
C LEU A 57 -43.20 -19.02 -10.48
N LEU A 58 -41.94 -18.64 -10.23
CA LEU A 58 -41.15 -17.93 -11.23
C LEU A 58 -40.34 -18.94 -12.07
N PRO A 59 -39.80 -18.49 -13.22
CA PRO A 59 -38.96 -19.38 -14.02
C PRO A 59 -37.67 -19.84 -13.34
N ALA A 60 -36.79 -18.92 -12.93
CA ALA A 60 -35.53 -19.32 -12.31
C ALA A 60 -35.09 -18.39 -11.19
N LEU A 61 -34.64 -18.95 -10.08
CA LEU A 61 -34.18 -18.14 -8.96
C LEU A 61 -32.68 -17.87 -9.07
N ASN A 62 -32.30 -16.60 -8.92
CA ASN A 62 -30.91 -16.21 -9.02
C ASN A 62 -30.35 -15.81 -7.67
N ALA A 63 -29.30 -16.51 -7.28
CA ALA A 63 -28.63 -16.30 -6.01
C ALA A 63 -27.15 -16.02 -6.24
N ALA A 64 -26.60 -15.09 -5.47
CA ALA A 64 -25.18 -14.75 -5.61
C ALA A 64 -24.45 -14.95 -4.29
N ASP A 65 -23.29 -15.58 -4.36
CA ASP A 65 -22.38 -15.64 -3.24
C ASP A 65 -21.23 -14.67 -3.53
N LEU A 66 -21.13 -13.62 -2.72
CA LEU A 66 -20.20 -12.53 -2.98
C LEU A 66 -19.08 -12.59 -1.95
N GLY A 67 -17.86 -12.81 -2.42
CA GLY A 67 -16.71 -13.07 -1.56
C GLY A 67 -16.82 -14.45 -0.92
N CYS A 68 -16.77 -15.48 -1.75
CA CYS A 68 -17.08 -16.86 -1.33
C CYS A 68 -16.34 -17.33 -0.07
N ALA A 69 -15.02 -17.46 -0.15
CA ALA A 69 -14.24 -17.85 1.02
C ALA A 69 -14.20 -16.73 2.05
N PRO A 72 -15.91 -24.45 0.88
CA PRO A 72 -16.90 -25.53 0.81
C PRO A 72 -18.25 -25.14 1.40
N ASN A 73 -18.31 -24.06 2.17
CA ASN A 73 -19.56 -23.59 2.77
C ASN A 73 -20.46 -22.91 1.74
N THR A 74 -19.86 -22.36 0.69
CA THR A 74 -20.63 -21.79 -0.40
C THR A 74 -21.32 -22.92 -1.16
N PHE A 75 -20.71 -24.11 -1.15
CA PHE A 75 -21.31 -25.28 -1.76
C PHE A 75 -22.32 -25.93 -0.81
N ALA A 76 -22.35 -25.43 0.43
CA ALA A 76 -23.31 -25.88 1.43
C ALA A 76 -24.56 -25.00 1.43
N VAL A 77 -24.36 -23.70 1.29
CA VAL A 77 -25.48 -22.77 1.22
C VAL A 77 -26.26 -22.99 -0.09
N ILE A 78 -25.56 -23.49 -1.12
CA ILE A 78 -26.19 -23.88 -2.39
C ILE A 78 -27.16 -25.04 -2.22
N SER A 79 -26.71 -26.09 -1.53
CA SER A 79 -27.55 -27.25 -1.28
C SER A 79 -28.73 -26.89 -0.38
N MET A 80 -28.53 -25.90 0.50
CA MET A 80 -29.61 -25.43 1.36
C MET A 80 -30.72 -24.82 0.53
N ILE A 81 -30.34 -23.91 -0.38
CA ILE A 81 -31.29 -23.27 -1.27
C ILE A 81 -32.06 -24.30 -2.12
N LYS A 82 -31.32 -25.26 -2.68
CA LYS A 82 -31.90 -26.32 -3.49
C LYS A 82 -32.89 -27.16 -2.69
N ARG A 83 -32.54 -27.46 -1.45
CA ARG A 83 -33.38 -28.28 -0.57
C ARG A 83 -34.65 -27.54 -0.20
N MET A 84 -34.53 -26.24 0.07
CA MET A 84 -35.68 -25.44 0.49
C MET A 84 -36.66 -25.21 -0.65
N MET A 85 -36.14 -24.97 -1.85
CA MET A 85 -36.97 -24.67 -3.01
C MET A 85 -37.85 -25.86 -3.39
N GLU A 86 -37.23 -27.03 -3.41
CA GLU A 86 -37.88 -28.28 -3.76
C GLU A 86 -39.00 -28.66 -2.79
N LYS A 87 -38.89 -28.19 -1.55
CA LYS A 87 -39.88 -28.48 -0.53
C LYS A 87 -41.09 -27.55 -0.66
N LYS A 88 -40.83 -26.27 -0.92
CA LYS A 88 -41.91 -25.30 -1.05
C LYS A 88 -42.74 -25.51 -2.32
N CYS A 89 -42.13 -26.09 -3.35
CA CYS A 89 -42.80 -26.36 -4.63
C CYS A 89 -43.68 -27.61 -4.56
N ARG A 90 -43.23 -28.59 -3.78
CA ARG A 90 -43.94 -29.85 -3.62
C ARG A 90 -45.16 -29.63 -2.71
N GLU A 91 -45.07 -28.57 -1.91
CA GLU A 91 -46.19 -28.14 -1.08
C GLU A 91 -47.17 -27.25 -1.88
N LEU A 92 -46.63 -26.52 -2.86
CA LEU A 92 -47.44 -25.62 -3.68
C LEU A 92 -47.94 -26.27 -4.98
N TYR A 93 -47.49 -27.50 -5.23
CA TYR A 93 -47.84 -28.26 -6.44
C TYR A 93 -47.65 -27.47 -7.74
N CYS A 94 -46.46 -26.89 -7.93
CA CYS A 94 -46.16 -26.14 -9.15
C CYS A 94 -44.85 -26.60 -9.78
N GLN A 95 -44.58 -26.11 -10.98
CA GLN A 95 -43.32 -26.42 -11.64
C GLN A 95 -42.15 -25.89 -10.82
N THR A 96 -41.13 -26.72 -10.68
CA THR A 96 -39.96 -26.37 -9.89
C THR A 96 -39.08 -25.41 -10.65
N PRO A 97 -38.74 -24.27 -10.04
CA PRO A 97 -37.85 -23.36 -10.77
C PRO A 97 -36.45 -23.94 -10.85
N GLU A 98 -35.67 -23.45 -11.78
CA GLU A 98 -34.27 -23.82 -11.79
C GLU A 98 -33.52 -22.83 -10.91
N LEU A 99 -32.34 -23.22 -10.46
CA LEU A 99 -31.55 -22.38 -9.60
C LEU A 99 -30.27 -21.98 -10.32
N GLN A 100 -30.05 -20.68 -10.47
CA GLN A 100 -28.80 -20.19 -11.02
C GLN A 100 -27.97 -19.55 -9.90
N VAL A 101 -26.78 -20.06 -9.67
CA VAL A 101 -25.91 -19.52 -8.64
C VAL A 101 -24.72 -18.78 -9.23
N TYR A 102 -24.51 -17.54 -8.79
CA TYR A 102 -23.34 -16.76 -9.18
C TYR A 102 -22.28 -16.75 -8.11
N LEU A 103 -21.07 -17.11 -8.47
CA LEU A 103 -20.00 -17.09 -7.50
C LEU A 103 -18.93 -16.07 -7.79
N ASN A 104 -18.86 -15.05 -6.96
CA ASN A 104 -17.82 -14.05 -7.00
C ASN A 104 -16.77 -14.38 -5.95
N ASP A 105 -15.56 -14.72 -6.37
CA ASP A 105 -14.52 -15.15 -5.43
C ASP A 105 -13.70 -13.96 -4.94
N LEU A 106 -13.45 -13.91 -3.63
CA LEU A 106 -12.66 -12.84 -3.01
C LEU A 106 -11.19 -13.26 -2.89
N PHE A 107 -10.96 -14.38 -2.22
CA PHE A 107 -9.62 -14.92 -2.06
C PHE A 107 -9.07 -15.42 -3.40
N LYS A 126 -27.59 -36.95 -7.88
CA LYS A 126 -28.29 -37.83 -8.81
C LYS A 126 -29.80 -37.56 -8.78
N CYS A 127 -30.44 -37.96 -7.68
CA CYS A 127 -31.89 -37.81 -7.52
C CYS A 127 -32.27 -36.42 -7.00
N GLU A 128 -31.39 -35.44 -7.20
CA GLU A 128 -31.66 -34.06 -6.79
C GLU A 128 -32.82 -33.47 -7.59
N GLU A 129 -33.68 -32.72 -6.91
CA GLU A 129 -34.88 -32.18 -7.54
C GLU A 129 -34.59 -30.91 -8.36
N VAL A 130 -34.12 -29.87 -7.68
CA VAL A 130 -33.88 -28.59 -8.33
C VAL A 130 -32.62 -28.57 -9.18
N SER A 131 -32.79 -28.36 -10.48
CA SER A 131 -31.69 -28.12 -11.39
C SER A 131 -30.89 -26.86 -11.00
N CYS A 132 -29.63 -27.03 -10.64
CA CYS A 132 -28.78 -25.90 -10.29
C CYS A 132 -27.69 -25.68 -11.34
N TYR A 133 -27.52 -24.43 -11.75
CA TYR A 133 -26.42 -24.04 -12.64
C TYR A 133 -25.53 -23.01 -11.94
N VAL A 134 -24.25 -23.33 -11.82
CA VAL A 134 -23.28 -22.50 -11.13
C VAL A 134 -22.42 -21.68 -12.09
N MET A 135 -22.28 -20.40 -11.80
CA MET A 135 -21.53 -19.47 -12.66
C MET A 135 -20.46 -18.69 -11.89
N GLY A 136 -19.33 -18.42 -12.53
CA GLY A 136 -18.30 -17.61 -11.91
C GLY A 136 -18.45 -16.16 -12.28
N VAL A 137 -18.32 -15.27 -11.30
CA VAL A 137 -18.40 -13.83 -11.52
C VAL A 137 -17.13 -13.10 -11.06
N PRO A 138 -16.23 -12.78 -11.99
CA PRO A 138 -15.04 -12.00 -11.66
C PRO A 138 -15.41 -10.56 -11.35
N GLY A 139 -14.58 -9.87 -10.57
CA GLY A 139 -14.82 -8.46 -10.30
C GLY A 139 -14.99 -8.14 -8.82
N SER A 140 -14.93 -6.86 -8.51
CA SER A 140 -15.08 -6.39 -7.14
C SER A 140 -16.55 -6.36 -6.72
N PHE A 141 -16.85 -6.85 -5.52
CA PHE A 141 -18.24 -6.85 -5.02
C PHE A 141 -18.63 -5.50 -4.45
N HIS A 142 -17.71 -4.55 -4.44
CA HIS A 142 -18.06 -3.21 -3.98
C HIS A 142 -18.69 -2.39 -5.11
N GLY A 143 -18.53 -2.86 -6.35
CA GLY A 143 -19.18 -2.24 -7.48
C GLY A 143 -20.24 -3.17 -8.06
N ARG A 144 -20.82 -2.75 -9.19
CA ARG A 144 -21.81 -3.55 -9.90
C ARG A 144 -21.22 -4.84 -10.46
N LEU A 145 -22.01 -5.90 -10.41
CA LEU A 145 -21.62 -7.20 -10.95
C LEU A 145 -22.71 -7.80 -11.84
N PHE A 146 -23.94 -7.34 -11.67
CA PHE A 146 -25.10 -7.98 -12.29
C PHE A 146 -26.03 -6.94 -12.93
N PRO A 147 -26.85 -7.39 -13.90
CA PRO A 147 -27.89 -6.49 -14.42
C PRO A 147 -28.87 -6.06 -13.32
N ARG A 148 -29.60 -4.98 -13.56
CA ARG A 148 -30.64 -4.53 -12.64
C ARG A 148 -31.66 -5.64 -12.41
N ASN A 149 -32.18 -5.71 -11.19
CA ASN A 149 -33.31 -6.59 -10.91
C ASN A 149 -33.09 -8.03 -11.34
N SER A 150 -31.97 -8.62 -10.93
CA SER A 150 -31.63 -9.94 -11.42
C SER A 150 -31.39 -10.93 -10.27
N LEU A 151 -31.23 -10.40 -9.07
CA LEU A 151 -30.95 -11.27 -7.92
C LEU A 151 -32.13 -11.39 -6.99
N HIS A 152 -32.44 -12.62 -6.60
CA HIS A 152 -33.48 -12.86 -5.61
C HIS A 152 -32.84 -13.02 -4.23
N LEU A 153 -31.60 -13.48 -4.22
CA LEU A 153 -30.88 -13.76 -3.00
C LEU A 153 -29.39 -13.47 -3.14
N VAL A 154 -28.83 -12.85 -2.10
CA VAL A 154 -27.42 -12.54 -2.02
C VAL A 154 -26.89 -13.06 -0.69
N HIS A 155 -25.78 -13.78 -0.74
CA HIS A 155 -25.16 -14.22 0.49
C HIS A 155 -23.71 -13.79 0.49
N SER A 156 -23.24 -13.33 1.64
CA SER A 156 -21.87 -12.90 1.78
C SER A 156 -21.40 -13.10 3.23
N SER A 157 -20.40 -13.94 3.39
CA SER A 157 -19.89 -14.29 4.69
C SER A 157 -18.45 -13.83 4.81
N TYR A 158 -18.18 -12.97 5.79
CA TYR A 158 -16.82 -12.58 6.14
C TYR A 158 -16.04 -11.93 4.99
N SER A 159 -16.72 -11.10 4.21
CA SER A 159 -16.08 -10.39 3.12
C SER A 159 -16.32 -8.89 3.21
N VAL A 160 -17.49 -8.50 3.73
CA VAL A 160 -17.92 -7.10 3.75
C VAL A 160 -17.03 -6.22 4.65
N HIS A 161 -16.34 -6.82 5.61
CA HIS A 161 -15.49 -6.07 6.51
C HIS A 161 -14.16 -5.72 5.87
N TRP A 162 -13.86 -6.35 4.74
CA TRP A 162 -12.67 -6.01 3.99
C TRP A 162 -12.90 -4.71 3.22
N LEU A 163 -11.98 -3.76 3.40
CA LEU A 163 -12.11 -2.43 2.79
C LEU A 163 -11.53 -2.40 1.40
N THR A 164 -11.96 -1.44 0.59
CA THR A 164 -11.40 -1.27 -0.74
C THR A 164 -9.99 -0.70 -0.68
N GLN A 165 -9.65 -0.17 0.49
CA GLN A 165 -8.30 0.34 0.74
C GLN A 165 -8.19 0.73 2.19
N ALA A 166 -6.97 0.72 2.70
CA ALA A 166 -6.69 1.22 4.03
C ALA A 166 -7.07 2.69 4.03
N PRO A 167 -7.64 3.18 5.15
CA PRO A 167 -8.24 4.52 5.23
C PRO A 167 -7.36 5.61 4.64
N LYS A 168 -7.98 6.63 4.10
CA LYS A 168 -7.27 7.66 3.37
C LYS A 168 -6.48 8.58 4.29
N GLY A 169 -7.18 9.28 5.17
CA GLY A 169 -6.58 10.35 5.94
C GLY A 169 -5.85 9.94 7.20
N LEU A 170 -4.64 9.40 7.05
CA LEU A 170 -3.86 8.96 8.20
C LEU A 170 -2.50 9.64 8.30
N THR A 171 -2.41 10.86 7.78
CA THR A 171 -1.18 11.66 7.90
C THR A 171 -1.53 13.09 8.27
N SER A 172 -0.89 13.64 9.29
CA SER A 172 -1.20 15.00 9.73
C SER A 172 -0.50 16.04 8.87
N ARG A 173 -0.24 17.20 9.48
CA ARG A 173 0.49 18.30 8.85
C ARG A 173 0.82 19.41 9.85
N GLU A 174 2.06 19.57 10.34
CA GLU A 174 3.23 18.68 10.26
C GLU A 174 3.42 17.83 9.00
N GLY A 175 3.44 16.52 9.20
CA GLY A 175 3.61 15.56 8.13
C GLY A 175 3.98 14.26 8.82
N LEU A 176 3.26 13.98 9.90
CA LEU A 176 3.51 12.80 10.71
C LEU A 176 2.45 11.74 10.43
N ALA A 177 2.84 10.47 10.54
CA ALA A 177 1.90 9.36 10.40
C ALA A 177 1.00 9.30 11.63
N LEU A 178 -0.29 9.09 11.43
CA LEU A 178 -1.22 9.19 12.55
C LEU A 178 -1.38 7.88 13.31
N ASN A 179 -0.72 6.82 12.87
CA ASN A 179 -0.83 5.53 13.56
C ASN A 179 0.51 4.82 13.73
N LYS A 180 1.49 5.50 14.32
CA LYS A 180 2.82 4.92 14.50
C LYS A 180 2.80 3.64 15.35
N GLY A 181 3.68 2.70 15.02
CA GLY A 181 3.86 1.50 15.81
C GLY A 181 2.79 0.44 15.60
N LYS A 182 1.79 0.75 14.78
CA LYS A 182 0.66 -0.14 14.65
C LYS A 182 0.15 -0.28 13.21
N ILE A 183 -0.78 -1.22 13.01
CA ILE A 183 -1.31 -1.51 11.67
C ILE A 183 -2.84 -1.49 11.62
N TYR A 184 -3.43 -1.08 12.74
CA TYR A 184 -4.87 -1.01 12.87
C TYR A 184 -5.18 -0.07 14.04
N ILE A 185 -6.46 0.18 14.29
CA ILE A 185 -6.91 0.91 15.46
C ILE A 185 -6.32 0.33 16.73
N SER A 186 -5.76 1.18 17.58
CA SER A 186 -5.10 0.71 18.79
C SER A 186 -5.32 1.67 19.94
N LYS A 187 -4.94 1.25 21.14
CA LYS A 187 -5.08 2.11 22.31
C LYS A 187 -4.12 3.30 22.20
N THR A 188 -2.97 3.07 21.57
CA THR A 188 -1.96 4.10 21.36
C THR A 188 -2.37 5.11 20.28
N SER A 189 -3.41 4.75 19.54
CA SER A 189 -3.79 5.47 18.33
C SER A 189 -4.69 6.69 18.62
N PRO A 190 -4.37 7.84 18.01
CA PRO A 190 -5.18 9.04 18.19
C PRO A 190 -6.56 8.88 17.56
N PRO A 191 -7.56 9.68 18.01
CA PRO A 191 -8.94 9.51 17.55
C PRO A 191 -9.08 9.47 16.03
N ALA A 192 -8.20 10.19 15.33
CA ALA A 192 -8.29 10.35 13.88
C ALA A 192 -8.32 9.02 13.15
N VAL A 193 -7.72 7.99 13.75
CA VAL A 193 -7.59 6.70 13.10
C VAL A 193 -8.91 5.94 13.01
N LYS A 194 -9.58 5.80 14.15
CA LYS A 194 -10.84 5.06 14.18
C LYS A 194 -11.89 5.81 13.39
N GLU A 195 -11.74 7.13 13.31
CA GLU A 195 -12.67 7.96 12.52
C GLU A 195 -12.42 7.75 11.03
N ALA A 196 -11.16 7.76 10.63
CA ALA A 196 -10.77 7.46 9.27
C ALA A 196 -11.27 6.05 8.88
N TYR A 197 -11.10 5.10 9.79
CA TYR A 197 -11.50 3.72 9.53
C TYR A 197 -13.02 3.60 9.34
N LEU A 198 -13.79 4.18 10.28
CA LEU A 198 -15.25 4.13 10.20
C LEU A 198 -15.72 4.84 8.95
N SER A 199 -15.03 5.92 8.60
CA SER A 199 -15.36 6.68 7.42
C SER A 199 -15.14 5.85 6.16
N GLN A 200 -14.06 5.08 6.16
CA GLN A 200 -13.71 4.27 5.01
C GLN A 200 -14.71 3.11 4.86
N PHE A 201 -15.06 2.49 5.98
CA PHE A 201 -16.06 1.45 6.01
C PHE A 201 -17.45 1.98 5.68
N HIS A 202 -17.75 3.18 6.15
CA HIS A 202 -19.01 3.81 5.80
C HIS A 202 -19.12 3.90 4.30
N GLU A 203 -18.09 4.46 3.68
CA GLU A 203 -18.03 4.62 2.23
C GLU A 203 -18.10 3.27 1.48
N ASP A 204 -17.35 2.28 1.95
CA ASP A 204 -17.25 1.00 1.25
C ASP A 204 -18.53 0.16 1.37
N PHE A 205 -19.05 0.03 2.59
CA PHE A 205 -20.28 -0.70 2.82
C PHE A 205 -21.46 -0.04 2.12
N THR A 206 -21.47 1.30 2.05
CA THR A 206 -22.53 2.05 1.39
C THR A 206 -22.46 1.84 -0.12
N MET A 207 -21.25 1.73 -0.67
CA MET A 207 -21.08 1.38 -2.08
C MET A 207 -21.61 -0.02 -2.38
N PHE A 208 -21.32 -0.97 -1.49
CA PHE A 208 -21.85 -2.32 -1.61
C PHE A 208 -23.37 -2.30 -1.61
N LEU A 209 -23.98 -1.76 -0.55
CA LEU A 209 -25.42 -1.60 -0.47
C LEU A 209 -26.02 -0.94 -1.72
N ASN A 210 -25.37 0.12 -2.18
CA ASN A 210 -25.81 0.86 -3.36
C ASN A 210 -25.82 0.00 -4.63
N ALA A 211 -24.74 -0.76 -4.83
CA ALA A 211 -24.65 -1.66 -5.97
C ALA A 211 -25.73 -2.73 -5.91
N ARG A 212 -25.84 -3.37 -4.74
CA ARG A 212 -26.83 -4.42 -4.54
C ARG A 212 -28.27 -3.94 -4.75
N SER A 213 -28.52 -2.68 -4.38
CA SER A 213 -29.83 -2.08 -4.51
C SER A 213 -30.34 -2.15 -5.95
N GLN A 214 -29.44 -1.88 -6.89
CA GLN A 214 -29.74 -1.95 -8.31
C GLN A 214 -30.05 -3.38 -8.78
N GLU A 215 -29.43 -4.36 -8.12
CA GLU A 215 -29.40 -5.73 -8.63
C GLU A 215 -30.39 -6.61 -7.91
N VAL A 216 -30.61 -6.33 -6.63
CA VAL A 216 -31.54 -7.15 -5.89
C VAL A 216 -32.99 -6.74 -6.20
N VAL A 217 -33.73 -7.75 -6.64
CA VAL A 217 -35.13 -7.64 -7.00
C VAL A 217 -35.96 -7.17 -5.80
N PRO A 218 -37.06 -6.45 -6.06
CA PRO A 218 -37.95 -5.98 -4.99
C PRO A 218 -38.44 -7.10 -4.06
N ASN A 219 -38.21 -6.92 -2.77
CA ASN A 219 -38.47 -7.90 -1.70
C ASN A 219 -37.46 -9.03 -1.68
N GLY A 220 -36.44 -8.91 -2.52
CA GLY A 220 -35.35 -9.85 -2.56
C GLY A 220 -34.53 -9.78 -1.28
N CYS A 221 -33.84 -10.88 -0.97
CA CYS A 221 -33.17 -11.02 0.32
C CYS A 221 -31.65 -10.96 0.24
N MET A 222 -31.06 -10.39 1.29
CA MET A 222 -29.61 -10.35 1.44
C MET A 222 -29.22 -10.87 2.83
N VAL A 223 -28.35 -11.87 2.86
CA VAL A 223 -27.81 -12.36 4.12
C VAL A 223 -26.31 -12.06 4.20
N LEU A 224 -25.94 -11.16 5.11
CA LEU A 224 -24.56 -10.75 5.24
C LEU A 224 -24.01 -11.14 6.60
N ILE A 225 -22.91 -11.89 6.60
CA ILE A 225 -22.20 -12.19 7.83
C ILE A 225 -20.84 -11.52 7.77
N LEU A 226 -20.44 -10.89 8.86
CA LEU A 226 -19.13 -10.26 8.92
C LEU A 226 -18.53 -10.26 10.31
N HIS A 227 -17.22 -10.07 10.35
CA HIS A 227 -16.45 -9.89 11.57
C HIS A 227 -16.73 -8.50 12.17
N GLY A 228 -17.33 -8.49 13.35
CA GLY A 228 -17.63 -7.23 14.02
C GLY A 228 -16.91 -7.09 15.35
N ARG A 229 -17.55 -6.42 16.30
CA ARG A 229 -17.01 -6.30 17.64
C ARG A 229 -18.16 -6.11 18.65
N GLN A 230 -17.93 -6.49 19.91
CA GLN A 230 -18.90 -6.25 20.97
C GLN A 230 -18.83 -4.82 21.48
N SER A 231 -17.63 -4.37 21.82
CA SER A 231 -17.47 -3.07 22.47
C SER A 231 -17.64 -1.92 21.48
N SER A 232 -18.23 -0.83 21.97
CA SER A 232 -18.41 0.38 21.20
C SER A 232 -17.06 1.01 20.82
N ASP A 233 -16.05 0.82 21.68
CA ASP A 233 -14.71 1.32 21.42
C ASP A 233 -13.91 0.30 20.62
N PRO A 234 -13.54 0.65 19.38
CA PRO A 234 -12.89 -0.29 18.45
C PRO A 234 -11.43 -0.56 18.78
N SER A 235 -10.92 0.03 19.87
CA SER A 235 -9.53 -0.16 20.27
C SER A 235 -9.41 -1.18 21.41
N GLU A 236 -10.54 -1.76 21.80
CA GLU A 236 -10.54 -2.81 22.81
C GLU A 236 -9.91 -4.08 22.23
N MET A 237 -9.25 -4.84 23.08
CA MET A 237 -8.52 -6.03 22.65
C MET A 237 -9.45 -7.04 22.01
N GLU A 238 -10.68 -7.07 22.51
CA GLU A 238 -11.76 -7.85 21.93
C GLU A 238 -12.00 -7.55 20.45
N SER A 239 -11.77 -6.30 20.06
CA SER A 239 -12.04 -5.85 18.70
C SER A 239 -10.85 -6.07 17.77
N CYS A 240 -9.64 -5.94 18.30
CA CYS A 240 -8.47 -5.80 17.44
C CYS A 240 -7.28 -6.68 17.83
N PHE A 241 -7.52 -7.75 18.58
CA PHE A 241 -6.43 -8.55 19.12
C PHE A 241 -5.45 -9.05 18.04
N THR A 242 -5.98 -9.53 16.93
CA THR A 242 -5.13 -10.11 15.90
C THR A 242 -4.15 -9.09 15.33
N TRP A 243 -4.68 -7.96 14.88
CA TRP A 243 -3.87 -6.86 14.37
C TRP A 243 -2.92 -6.25 15.42
N GLU A 244 -3.36 -6.18 16.66
CA GLU A 244 -2.55 -5.63 17.72
C GLU A 244 -1.34 -6.48 17.89
N LEU A 245 -1.57 -7.77 18.07
CA LEU A 245 -0.51 -8.71 18.25
C LEU A 245 0.43 -8.76 17.08
N LEU A 246 -0.11 -8.71 15.88
CA LEU A 246 0.71 -8.70 14.67
C LEU A 246 1.64 -7.50 14.64
N ALA A 247 1.14 -6.38 15.14
CA ALA A 247 1.91 -5.14 15.22
C ALA A 247 3.03 -5.31 16.22
N ILE A 248 2.70 -5.90 17.36
CA ILE A 248 3.67 -6.15 18.43
C ILE A 248 4.79 -7.05 17.94
N ALA A 249 4.44 -8.02 17.10
CA ALA A 249 5.41 -8.91 16.51
C ALA A 249 6.32 -8.14 15.56
N ILE A 250 5.73 -7.36 14.67
CA ILE A 250 6.49 -6.54 13.72
C ILE A 250 7.40 -5.56 14.46
N ALA A 251 6.87 -4.89 15.48
CA ALA A 251 7.66 -3.95 16.27
C ALA A 251 8.84 -4.64 16.98
N GLU A 252 8.69 -5.91 17.33
CA GLU A 252 9.80 -6.67 17.88
C GLU A 252 10.92 -6.79 16.86
N LEU A 253 10.58 -7.10 15.62
CA LEU A 253 11.58 -7.26 14.57
C LEU A 253 12.21 -5.91 14.21
N VAL A 254 11.43 -4.84 14.32
CA VAL A 254 11.93 -3.49 14.04
C VAL A 254 13.05 -3.12 15.01
N SER A 255 12.83 -3.36 16.29
CA SER A 255 13.83 -3.10 17.32
C SER A 255 15.06 -3.99 17.14
N GLN A 256 14.88 -5.14 16.48
CA GLN A 256 15.99 -6.03 16.22
C GLN A 256 16.71 -5.64 14.93
N GLY A 257 16.18 -4.65 14.24
CA GLY A 257 16.81 -4.12 13.04
C GLY A 257 16.57 -4.97 11.80
N LEU A 258 15.52 -5.78 11.83
CA LEU A 258 15.14 -6.65 10.72
C LEU A 258 14.11 -6.00 9.81
N ILE A 259 13.32 -5.09 10.37
CA ILE A 259 12.27 -4.39 9.64
C ILE A 259 12.34 -2.89 9.89
N ASP A 260 12.29 -2.10 8.83
CA ASP A 260 12.27 -0.64 8.97
C ASP A 260 11.04 -0.19 9.74
N GLU A 261 11.20 0.87 10.53
CA GLU A 261 10.06 1.44 11.22
C GLU A 261 9.26 2.29 10.25
N ASP A 262 9.88 2.57 9.09
CA ASP A 262 9.38 3.50 8.08
C ASP A 262 7.85 3.60 7.97
N LYS A 263 7.00 2.58 7.71
CA LYS A 263 7.09 1.18 7.17
C LYS A 263 5.99 0.47 7.96
N LEU A 264 6.27 0.21 9.22
CA LEU A 264 5.26 -0.07 10.22
C LEU A 264 4.35 1.15 10.37
N ASP A 265 4.99 2.31 10.49
CA ASP A 265 4.30 3.57 10.82
C ASP A 265 3.35 4.04 9.72
N THR A 266 3.61 3.62 8.49
CA THR A 266 2.82 4.08 7.34
C THR A 266 1.87 3.01 6.82
N PHE A 267 1.95 1.80 7.37
CA PHE A 267 1.06 0.75 6.92
C PHE A 267 -0.08 0.51 7.87
N ASN A 268 -1.27 0.33 7.30
CA ASN A 268 -2.47 0.00 8.06
C ASN A 268 -3.32 -0.94 7.22
N VAL A 269 -4.08 -1.82 7.88
CA VAL A 269 -4.78 -2.89 7.16
C VAL A 269 -6.07 -2.39 6.52
N PRO A 270 -6.42 -2.96 5.35
CA PRO A 270 -7.65 -2.64 4.63
C PRO A 270 -8.84 -3.45 5.16
N SER A 271 -9.09 -3.32 6.46
CA SER A 271 -10.10 -4.09 7.16
C SER A 271 -10.70 -3.24 8.28
N TYR A 272 -11.98 -3.45 8.60
CA TYR A 272 -12.61 -2.78 9.74
C TYR A 272 -13.68 -3.64 10.38
N PHE A 273 -13.62 -3.78 11.70
CA PHE A 273 -14.58 -4.59 12.46
C PHE A 273 -15.62 -3.72 13.14
N PRO A 274 -16.79 -3.55 12.50
CA PRO A 274 -17.79 -2.61 12.99
C PRO A 274 -18.62 -3.14 14.15
N SER A 275 -19.40 -2.25 14.75
CA SER A 275 -20.32 -2.61 15.81
C SER A 275 -21.70 -2.80 15.22
N LEU A 276 -22.61 -3.42 15.97
CA LEU A 276 -23.98 -3.58 15.51
C LEU A 276 -24.60 -2.22 15.20
N GLU A 277 -24.21 -1.21 15.97
CA GLU A 277 -24.78 0.12 15.81
C GLU A 277 -24.26 0.79 14.54
N GLU A 278 -22.99 0.58 14.22
CA GLU A 278 -22.43 1.16 13.01
C GLU A 278 -23.02 0.53 11.77
N VAL A 279 -23.15 -0.80 11.79
CA VAL A 279 -23.79 -1.53 10.70
C VAL A 279 -25.23 -1.06 10.48
N LYS A 280 -26.02 -1.06 11.55
CA LYS A 280 -27.41 -0.59 11.50
C LYS A 280 -27.56 0.82 10.95
N ASP A 281 -26.69 1.73 11.36
CA ASP A 281 -26.82 3.12 10.95
C ASP A 281 -26.53 3.32 9.48
N ILE A 282 -25.47 2.67 9.01
CA ILE A 282 -25.08 2.74 7.61
C ILE A 282 -26.18 2.17 6.72
N VAL A 283 -26.70 1.01 7.09
CA VAL A 283 -27.82 0.40 6.37
C VAL A 283 -29.02 1.33 6.35
N GLU A 284 -29.32 1.96 7.47
CA GLU A 284 -30.45 2.89 7.55
C GLU A 284 -30.22 4.20 6.81
N ARG A 285 -28.97 4.69 6.78
CA ARG A 285 -28.65 5.90 6.01
C ARG A 285 -28.94 5.68 4.53
N ASP A 286 -28.34 4.63 3.97
CA ASP A 286 -28.69 4.11 2.68
C ASP A 286 -30.17 3.75 2.76
N GLY A 287 -30.94 4.01 1.72
CA GLY A 287 -32.37 3.78 1.87
C GLY A 287 -32.94 2.52 1.23
N SER A 288 -32.06 1.60 0.85
CA SER A 288 -32.44 0.57 -0.10
C SER A 288 -32.94 -0.71 0.55
N PHE A 289 -32.46 -1.02 1.75
CA PHE A 289 -32.82 -2.27 2.38
C PHE A 289 -33.38 -2.11 3.78
N THR A 290 -34.31 -3.02 4.10
CA THR A 290 -34.90 -3.18 5.42
C THR A 290 -34.13 -4.19 6.24
N ILE A 291 -33.84 -3.84 7.49
CA ILE A 291 -33.19 -4.76 8.42
C ILE A 291 -34.21 -5.74 9.02
N ASP A 292 -34.23 -6.96 8.49
CA ASP A 292 -35.10 -8.02 9.00
C ASP A 292 -34.56 -8.54 10.33
N HIS A 293 -33.27 -8.87 10.35
CA HIS A 293 -32.60 -9.23 11.59
C HIS A 293 -31.16 -8.71 11.63
N LEU A 294 -30.72 -8.36 12.83
CA LEU A 294 -29.38 -7.86 13.04
C LEU A 294 -28.93 -8.37 14.39
N GLU A 295 -27.96 -9.28 14.37
CA GLU A 295 -27.60 -10.00 15.57
C GLU A 295 -26.10 -10.27 15.54
N GLY A 296 -25.49 -10.27 16.71
CA GLY A 296 -24.10 -10.65 16.84
C GLY A 296 -24.00 -11.88 17.72
N PHE A 297 -23.05 -12.76 17.43
CA PHE A 297 -22.80 -13.89 18.32
C PHE A 297 -21.31 -14.08 18.57
N GLU A 298 -20.97 -14.56 19.77
CA GLU A 298 -19.59 -14.80 20.17
C GLU A 298 -19.09 -16.18 19.78
N LEU A 299 -17.81 -16.25 19.41
CA LEU A 299 -17.17 -17.53 19.14
C LEU A 299 -15.73 -17.55 19.67
N ASP A 300 -15.35 -18.68 20.28
CA ASP A 300 -13.98 -18.87 20.74
C ASP A 300 -13.01 -18.74 19.57
N SER A 301 -11.96 -17.95 19.76
CA SER A 301 -11.05 -17.62 18.67
C SER A 301 -10.01 -18.72 18.41
N LEU A 302 -9.66 -19.47 19.44
CA LEU A 302 -8.73 -20.60 19.29
C LEU A 302 -9.45 -21.91 19.54
N GLU A 303 -8.92 -22.99 18.97
CA GLU A 303 -9.46 -24.32 19.25
C GLU A 303 -9.24 -24.63 20.72
N MET A 304 -10.24 -24.34 21.53
CA MET A 304 -10.11 -24.46 22.98
C MET A 304 -10.26 -25.89 23.47
N GLN A 305 -10.70 -26.80 22.60
CA GLN A 305 -10.77 -28.21 22.97
C GLN A 305 -9.39 -28.86 22.84
N GLU A 306 -8.35 -28.06 23.09
CA GLU A 306 -6.96 -28.49 23.01
C GLU A 306 -6.16 -27.98 24.20
N ASN A 307 -5.64 -28.89 25.02
CA ASN A 307 -4.95 -28.55 26.27
C ASN A 307 -3.54 -27.99 26.07
N ASP A 308 -2.83 -28.47 25.04
CA ASP A 308 -1.50 -27.96 24.73
C ASP A 308 -1.57 -26.57 24.16
N LYS A 309 -1.11 -25.59 24.94
CA LYS A 309 -1.21 -24.18 24.55
C LYS A 309 -0.38 -23.86 23.30
N TRP A 310 0.84 -24.39 23.24
CA TRP A 310 1.72 -24.16 22.09
C TRP A 310 1.15 -24.79 20.83
N VAL A 311 0.43 -25.89 20.98
CA VAL A 311 -0.22 -26.52 19.85
C VAL A 311 -1.43 -25.70 19.41
N ARG A 312 -2.27 -25.29 20.36
CA ARG A 312 -3.47 -24.54 20.03
C ARG A 312 -3.12 -23.12 19.57
N GLY A 313 -1.94 -22.65 19.98
CA GLY A 313 -1.45 -21.35 19.53
C GLY A 313 -0.94 -21.45 18.11
N ASP A 314 -0.25 -22.54 17.79
CA ASP A 314 0.24 -22.71 16.43
C ASP A 314 -0.92 -22.82 15.47
N LYS A 315 -1.89 -23.64 15.81
CA LYS A 315 -3.06 -23.76 14.96
C LYS A 315 -3.65 -22.39 14.68
N PHE A 316 -3.72 -21.56 15.72
CA PHE A 316 -4.24 -20.21 15.59
C PHE A 316 -3.37 -19.39 14.64
N ALA A 317 -2.06 -19.39 14.88
CA ALA A 317 -1.12 -18.61 14.07
C ALA A 317 -1.13 -19.06 12.61
N LYS A 318 -1.20 -20.37 12.38
CA LYS A 318 -1.30 -20.91 11.03
C LYS A 318 -2.52 -20.33 10.33
N MET A 319 -3.64 -20.30 11.03
CA MET A 319 -4.87 -19.71 10.50
C MET A 319 -4.70 -18.23 10.22
N VAL A 320 -4.13 -17.50 11.19
CA VAL A 320 -3.93 -16.06 11.06
C VAL A 320 -3.02 -15.74 9.87
N ARG A 321 -1.95 -16.51 9.71
CA ARG A 321 -1.01 -16.30 8.60
C ARG A 321 -1.68 -16.49 7.25
N ALA A 322 -2.65 -17.39 7.18
CA ALA A 322 -3.30 -17.68 5.92
C ALA A 322 -4.11 -16.50 5.39
N PHE A 323 -4.75 -15.76 6.28
CA PHE A 323 -5.57 -14.66 5.81
C PHE A 323 -4.90 -13.30 5.95
N THR A 324 -3.78 -13.23 6.67
CA THR A 324 -3.11 -11.94 6.87
C THR A 324 -1.86 -11.75 6.01
N GLU A 325 -1.11 -12.82 5.74
CA GLU A 325 0.11 -12.70 4.94
C GLU A 325 -0.08 -11.99 3.58
N PRO A 326 -1.14 -12.31 2.80
CA PRO A 326 -1.31 -11.57 1.54
C PRO A 326 -1.55 -10.07 1.72
N ILE A 327 -2.03 -9.70 2.90
CA ILE A 327 -2.33 -8.30 3.22
C ILE A 327 -1.05 -7.60 3.69
N ILE A 328 -0.14 -8.38 4.26
CA ILE A 328 1.06 -7.89 4.94
C ILE A 328 2.29 -7.93 4.04
N SER A 329 2.31 -8.89 3.11
CA SER A 329 3.53 -9.25 2.39
C SER A 329 4.06 -8.16 1.46
N ASN A 330 3.18 -7.34 0.88
CA ASN A 330 3.66 -6.28 -0.01
C ASN A 330 4.55 -5.31 0.73
N GLN A 331 4.19 -5.03 1.97
CA GLN A 331 4.90 -4.03 2.74
C GLN A 331 6.12 -4.64 3.44
N PHE A 332 6.00 -5.86 3.96
CA PHE A 332 7.11 -6.41 4.74
C PHE A 332 7.86 -7.56 4.08
N GLY A 333 7.51 -7.88 2.83
CA GLY A 333 8.11 -8.99 2.13
C GLY A 333 7.64 -10.35 2.63
N HIS A 334 7.91 -11.39 1.86
CA HIS A 334 7.62 -12.76 2.29
C HIS A 334 8.79 -13.35 3.07
N GLU A 335 9.96 -12.75 2.89
CA GLU A 335 11.22 -13.25 3.45
C GLU A 335 11.16 -13.36 4.98
N ILE A 336 10.66 -12.32 5.62
CA ILE A 336 10.68 -12.23 7.08
C ILE A 336 9.41 -12.85 7.71
N MET A 337 8.53 -13.39 6.87
CA MET A 337 7.25 -13.88 7.36
C MET A 337 7.38 -15.09 8.31
N ASP A 338 8.37 -15.95 8.08
CA ASP A 338 8.60 -17.06 9.01
C ASP A 338 8.90 -16.53 10.42
N LYS A 339 9.91 -15.66 10.52
CA LYS A 339 10.27 -15.09 11.82
C LYS A 339 9.16 -14.19 12.38
N LEU A 340 8.31 -13.67 11.50
CA LEU A 340 7.24 -12.77 11.94
C LEU A 340 6.18 -13.54 12.70
N TYR A 341 5.66 -14.60 12.09
CA TYR A 341 4.60 -15.38 12.72
C TYR A 341 5.17 -16.35 13.74
N ASP A 342 6.48 -16.53 13.72
CA ASP A 342 7.15 -17.22 14.81
C ASP A 342 6.98 -16.39 16.07
N LYS A 343 7.41 -15.13 16.01
CA LYS A 343 7.30 -14.20 17.14
C LYS A 343 5.84 -14.00 17.54
N PHE A 344 4.96 -13.89 16.56
CA PHE A 344 3.53 -13.77 16.80
C PHE A 344 3.01 -14.94 17.64
N THR A 345 3.46 -16.16 17.32
CA THR A 345 3.03 -17.34 18.06
C THR A 345 3.55 -17.33 19.51
N HIS A 346 4.78 -16.87 19.70
CA HIS A 346 5.32 -16.76 21.06
C HIS A 346 4.57 -15.70 21.86
N ILE A 347 4.18 -14.60 21.22
CA ILE A 347 3.42 -13.56 21.89
C ILE A 347 2.04 -14.09 22.28
N VAL A 348 1.51 -14.98 21.45
CA VAL A 348 0.23 -15.62 21.73
C VAL A 348 0.36 -16.69 22.81
N VAL A 349 1.25 -17.66 22.60
CA VAL A 349 1.38 -18.79 23.52
C VAL A 349 1.97 -18.41 24.88
N SER A 350 2.93 -17.50 24.90
CA SER A 350 3.58 -17.12 26.15
C SER A 350 2.91 -15.93 26.85
N ASP A 351 2.89 -14.78 26.18
CA ASP A 351 2.43 -13.54 26.79
C ASP A 351 0.93 -13.51 27.13
N LEU A 352 0.14 -14.37 26.48
CA LEU A 352 -1.30 -14.39 26.68
C LEU A 352 -1.83 -15.76 27.07
N GLU A 353 -0.90 -16.70 27.31
CA GLU A 353 -1.23 -18.06 27.74
C GLU A 353 -2.29 -18.72 26.85
N ALA A 354 -2.20 -18.46 25.55
CA ALA A 354 -3.14 -19.02 24.57
C ALA A 354 -4.59 -18.69 24.92
N GLU A 355 -4.79 -17.49 25.46
CA GLU A 355 -6.12 -17.02 25.81
C GLU A 355 -6.45 -15.74 25.06
N LEU A 356 -7.24 -15.87 24.00
CA LEU A 356 -7.65 -14.71 23.22
C LEU A 356 -9.14 -14.45 23.38
N PRO A 357 -9.54 -13.18 23.27
CA PRO A 357 -10.96 -12.82 23.41
C PRO A 357 -11.80 -13.48 22.32
N LYS A 358 -13.10 -13.62 22.56
CA LYS A 358 -13.97 -14.24 21.56
C LYS A 358 -14.15 -13.32 20.35
N THR A 359 -14.31 -13.91 19.18
CA THR A 359 -14.56 -13.14 17.97
C THR A 359 -16.06 -12.89 17.83
N THR A 360 -16.42 -11.65 17.53
CA THR A 360 -17.81 -11.29 17.33
C THR A 360 -18.16 -11.35 15.86
N SER A 361 -19.18 -12.11 15.52
CA SER A 361 -19.68 -12.10 14.15
C SER A 361 -21.06 -11.45 14.08
N ILE A 362 -21.27 -10.67 13.04
CA ILE A 362 -22.55 -9.98 12.86
C ILE A 362 -23.35 -10.65 11.75
N ILE A 363 -24.57 -11.05 12.09
CA ILE A 363 -25.52 -11.58 11.11
C ILE A 363 -26.52 -10.51 10.73
N LEU A 364 -26.55 -10.18 9.44
CA LEU A 364 -27.39 -9.10 8.94
C LEU A 364 -28.30 -9.63 7.84
N VAL A 365 -29.60 -9.64 8.09
CA VAL A 365 -30.56 -10.06 7.09
C VAL A 365 -31.32 -8.85 6.54
N LEU A 366 -31.26 -8.69 5.22
CA LEU A 366 -31.86 -7.53 4.55
C LEU A 366 -32.90 -7.91 3.50
N SER A 367 -33.84 -7.00 3.26
CA SER A 367 -34.81 -7.13 2.17
C SER A 367 -34.84 -5.85 1.32
N LYS A 368 -34.84 -6.00 0.00
CA LYS A 368 -34.98 -4.85 -0.88
C LYS A 368 -36.35 -4.19 -0.69
N ILE A 369 -36.35 -2.87 -0.66
CA ILE A 369 -37.43 -2.11 -0.03
C ILE A 369 -38.73 -1.97 -0.83
N VAL A 370 -38.68 -1.86 -2.15
CA VAL A 370 -39.93 -1.53 -2.86
C VAL A 370 -40.65 -2.78 -3.33
N SER B 30 27.43 6.10 -13.18
CA SER B 30 27.35 6.16 -14.64
C SER B 30 26.21 7.07 -15.08
N PHE B 31 25.02 6.48 -15.23
CA PHE B 31 23.81 7.22 -15.53
C PHE B 31 23.53 8.24 -14.43
N THR B 32 23.75 7.82 -13.22
CA THR B 32 23.59 8.64 -12.05
C THR B 32 24.46 9.86 -12.16
N GLU B 33 25.68 9.65 -12.62
CA GLU B 33 26.61 10.76 -12.77
C GLU B 33 26.08 11.80 -13.76
N LYS B 34 25.48 11.32 -14.84
CA LYS B 34 24.96 12.22 -15.87
C LYS B 34 23.78 13.02 -15.35
N VAL B 35 22.91 12.37 -14.58
CA VAL B 35 21.77 13.05 -13.97
C VAL B 35 22.24 14.13 -13.01
N ALA B 36 23.24 13.80 -12.19
CA ALA B 36 23.76 14.69 -11.17
C ALA B 36 24.34 15.96 -11.77
N SER B 37 25.03 15.83 -12.89
CA SER B 37 25.63 16.99 -13.53
C SER B 37 24.57 17.85 -14.21
N MET B 38 23.53 17.19 -14.71
CA MET B 38 22.42 17.90 -15.36
C MET B 38 21.66 18.79 -14.39
N ALA B 39 21.61 18.39 -13.12
CA ALA B 39 20.86 19.11 -12.10
C ALA B 39 21.71 20.16 -11.38
N MET B 40 23.02 20.09 -11.58
CA MET B 40 23.96 20.97 -10.88
C MET B 40 23.68 22.48 -11.12
N PRO B 41 23.39 22.90 -12.36
CA PRO B 41 23.03 24.31 -12.53
C PRO B 41 21.79 24.73 -11.77
N ALA B 42 20.82 23.83 -11.64
CA ALA B 42 19.60 24.14 -10.89
C ALA B 42 19.94 24.30 -9.41
N LEU B 43 20.95 23.55 -8.98
CA LEU B 43 21.42 23.64 -7.60
C LEU B 43 22.18 24.95 -7.36
N GLU B 44 22.95 25.38 -8.35
CA GLU B 44 23.72 26.61 -8.25
C GLU B 44 22.79 27.80 -8.10
N ASN B 45 21.79 27.87 -8.97
CA ASN B 45 20.83 28.97 -8.97
C ASN B 45 20.03 29.02 -7.68
N ALA B 46 19.66 27.87 -7.16
CA ALA B 46 18.95 27.81 -5.90
C ALA B 46 19.83 28.33 -4.75
N VAL B 47 21.14 28.08 -4.82
CA VAL B 47 22.03 28.68 -3.84
C VAL B 47 22.12 30.19 -4.08
N GLU B 48 22.26 30.58 -5.36
CA GLU B 48 22.27 31.99 -5.74
C GLU B 48 21.04 32.74 -5.21
N THR B 49 19.85 32.14 -5.33
CA THR B 49 18.64 32.82 -4.89
C THR B 49 18.70 32.99 -3.38
N LEU B 50 19.18 31.98 -2.67
CA LEU B 50 19.35 32.09 -1.21
C LEU B 50 20.26 33.28 -0.86
N PHE B 51 21.30 33.49 -1.67
CA PHE B 51 22.23 34.57 -1.42
C PHE B 51 21.54 35.93 -1.62
N SER B 52 20.67 36.02 -2.63
CA SER B 52 19.91 37.24 -2.90
C SER B 52 18.95 37.60 -1.76
N LYS B 53 18.71 36.64 -0.86
CA LYS B 53 17.95 36.90 0.35
C LYS B 53 18.86 36.85 1.57
N ASP B 54 20.15 37.03 1.30
CA ASP B 54 21.17 37.20 2.33
C ASP B 54 21.32 36.01 3.26
N PHE B 55 21.08 34.80 2.76
CA PHE B 55 21.28 33.61 3.59
C PHE B 55 22.76 33.44 3.96
N HIS B 56 23.63 34.01 3.14
CA HIS B 56 25.07 33.93 3.39
C HIS B 56 25.50 34.81 4.58
N LEU B 57 24.57 35.59 5.14
CA LEU B 57 24.89 36.46 6.26
C LEU B 57 24.40 35.85 7.57
N LEU B 58 23.73 34.70 7.47
CA LEU B 58 23.35 33.93 8.64
C LEU B 58 24.62 33.35 9.26
N PRO B 59 24.64 33.11 10.58
CA PRO B 59 25.82 32.56 11.25
C PRO B 59 26.25 31.24 10.60
N ALA B 60 25.27 30.38 10.31
CA ALA B 60 25.52 29.12 9.62
C ALA B 60 24.46 28.84 8.57
N LEU B 61 24.88 28.29 7.44
CA LEU B 61 23.95 27.74 6.46
C LEU B 61 23.65 26.28 6.78
N ASN B 62 22.38 25.90 6.77
CA ASN B 62 21.97 24.54 7.13
C ASN B 62 21.40 23.77 5.95
N ALA B 63 22.17 22.82 5.45
CA ALA B 63 21.78 22.04 4.27
C ALA B 63 21.53 20.56 4.60
N ALA B 64 20.52 19.98 3.94
CA ALA B 64 20.24 18.56 4.09
C ALA B 64 20.23 17.86 2.73
N ASP B 65 20.79 16.66 2.70
CA ASP B 65 20.63 15.79 1.55
C ASP B 65 19.77 14.60 1.97
N LEU B 66 18.58 14.51 1.39
CA LEU B 66 17.59 13.53 1.82
C LEU B 66 17.54 12.36 0.85
N GLY B 67 17.52 11.15 1.39
CA GLY B 67 17.75 9.96 0.59
C GLY B 67 19.11 10.07 -0.08
N CYS B 68 20.16 9.85 0.71
CA CYS B 68 21.56 10.03 0.28
C CYS B 68 22.03 8.97 -0.71
N ALA B 69 21.11 8.11 -1.14
CA ALA B 69 21.41 7.13 -2.16
C ALA B 69 21.59 7.85 -3.49
N ALA B 70 22.72 8.53 -3.66
CA ALA B 70 22.96 9.30 -4.88
C ALA B 70 24.24 8.88 -5.65
N GLY B 71 25.46 9.01 -5.12
CA GLY B 71 25.83 9.46 -3.78
C GLY B 71 26.91 8.57 -3.20
N PRO B 72 28.18 8.68 -3.68
CA PRO B 72 29.09 9.54 -4.46
C PRO B 72 28.63 10.94 -4.89
N ASN B 73 27.62 11.06 -5.74
CA ASN B 73 27.16 12.36 -6.24
C ASN B 73 26.74 13.35 -5.14
N THR B 74 26.67 12.85 -3.91
CA THR B 74 26.39 13.70 -2.75
C THR B 74 27.58 14.58 -2.42
N PHE B 75 28.78 14.08 -2.70
CA PHE B 75 30.00 14.83 -2.43
C PHE B 75 30.06 16.08 -3.30
N ALA B 76 29.72 15.91 -4.58
CA ALA B 76 29.73 17.03 -5.52
C ALA B 76 28.79 18.18 -5.13
N VAL B 77 27.59 17.84 -4.64
CA VAL B 77 26.60 18.89 -4.34
C VAL B 77 27.00 19.67 -3.09
N ILE B 78 27.54 18.97 -2.10
CA ILE B 78 28.01 19.61 -0.88
C ILE B 78 29.30 20.42 -1.11
N SER B 79 30.18 19.88 -1.93
CA SER B 79 31.38 20.63 -2.30
C SER B 79 30.97 21.89 -3.02
N MET B 80 29.91 21.80 -3.80
CA MET B 80 29.42 22.93 -4.57
C MET B 80 28.85 24.03 -3.68
N ILE B 81 28.12 23.64 -2.63
CA ILE B 81 27.58 24.60 -1.68
C ILE B 81 28.72 25.23 -0.88
N LYS B 82 29.64 24.39 -0.43
CA LYS B 82 30.88 24.81 0.24
C LYS B 82 31.57 25.90 -0.57
N ARG B 83 31.80 25.61 -1.85
CA ARG B 83 32.55 26.49 -2.72
C ARG B 83 31.82 27.81 -2.99
N MET B 84 30.50 27.77 -3.14
CA MET B 84 29.75 28.99 -3.45
C MET B 84 29.71 29.93 -2.24
N MET B 85 29.63 29.36 -1.05
CA MET B 85 29.73 30.14 0.17
C MET B 85 31.09 30.81 0.32
N GLU B 86 32.14 30.05 0.04
CA GLU B 86 33.49 30.56 0.16
C GLU B 86 33.72 31.76 -0.78
N LYS B 87 33.18 31.68 -1.99
CA LYS B 87 33.34 32.73 -2.96
C LYS B 87 32.54 33.97 -2.54
N LYS B 88 31.40 33.73 -1.90
CA LYS B 88 30.48 34.80 -1.50
C LYS B 88 30.96 35.56 -0.27
N CYS B 89 31.58 34.85 0.65
CA CYS B 89 31.87 35.37 1.98
C CYS B 89 33.29 35.90 2.14
N ARG B 90 34.12 35.68 1.12
CA ARG B 90 35.54 36.06 1.19
C ARG B 90 35.74 37.57 1.16
N GLU B 91 34.75 38.30 0.69
CA GLU B 91 34.84 39.76 0.66
C GLU B 91 34.07 40.40 1.81
N LEU B 92 33.50 39.58 2.69
CA LEU B 92 32.69 40.08 3.80
C LEU B 92 33.51 40.32 5.07
N TYR B 93 33.21 41.42 5.77
CA TYR B 93 33.96 41.81 6.96
C TYR B 93 33.58 40.98 8.17
N CYS B 94 32.38 40.42 8.16
CA CYS B 94 31.91 39.65 9.31
C CYS B 94 32.67 38.34 9.41
N GLN B 95 32.59 37.70 10.57
CA GLN B 95 33.19 36.40 10.79
C GLN B 95 32.59 35.42 9.77
N THR B 96 33.40 34.51 9.25
CA THR B 96 32.95 33.69 8.13
C THR B 96 31.89 32.68 8.58
N PRO B 97 30.78 32.62 7.83
CA PRO B 97 29.73 31.66 8.17
C PRO B 97 30.23 30.24 8.05
N GLU B 98 29.58 29.34 8.77
CA GLU B 98 29.89 27.94 8.69
C GLU B 98 28.79 27.20 7.95
N LEU B 99 29.05 25.94 7.61
CA LEU B 99 28.10 25.12 6.89
C LEU B 99 27.81 23.86 7.69
N GLN B 100 26.52 23.60 7.96
CA GLN B 100 26.12 22.37 8.62
C GLN B 100 25.38 21.48 7.62
N VAL B 101 25.91 20.29 7.42
CA VAL B 101 25.35 19.39 6.43
C VAL B 101 24.69 18.19 7.11
N TYR B 102 23.41 18.00 6.85
CA TYR B 102 22.69 16.83 7.35
C TYR B 102 22.54 15.78 6.26
N LEU B 103 23.05 14.59 6.47
CA LEU B 103 22.94 13.53 5.50
C LEU B 103 22.03 12.42 5.99
N ASN B 104 20.98 12.10 5.25
CA ASN B 104 20.05 11.05 5.63
C ASN B 104 19.93 9.89 4.64
N ASP B 105 19.82 8.67 5.16
CA ASP B 105 19.20 7.57 4.40
C ASP B 105 18.71 6.42 5.29
N PHE B 107 23.75 7.80 9.24
CA PHE B 107 23.21 7.26 7.99
C PHE B 107 24.03 6.08 7.48
N GLY B 108 23.67 4.87 7.94
CA GLY B 108 24.27 3.61 7.48
C GLY B 108 25.79 3.52 7.64
N ASN B 109 26.40 4.57 8.21
CA ASN B 109 27.82 4.61 8.56
C ASN B 109 28.80 4.47 7.38
N ASP B 110 28.28 4.36 6.16
CA ASP B 110 29.13 4.25 4.98
C ASP B 110 29.37 5.63 4.37
N PHE B 111 28.78 6.66 4.98
CA PHE B 111 28.94 8.02 4.54
C PHE B 111 30.28 8.57 5.02
N ASN B 112 31.10 7.70 5.60
CA ASN B 112 32.44 8.07 6.08
C ASN B 112 33.31 8.64 4.96
N THR B 113 33.14 8.14 3.74
CA THR B 113 33.90 8.66 2.61
C THR B 113 33.47 10.12 2.34
N LEU B 114 32.19 10.41 2.47
CA LEU B 114 31.68 11.77 2.31
C LEU B 114 32.00 12.62 3.53
N PHE B 115 31.91 12.01 4.71
CA PHE B 115 32.27 12.68 5.94
C PHE B 115 33.75 13.11 5.90
N LYS B 116 34.64 12.17 5.62
CA LYS B 116 36.09 12.47 5.58
C LYS B 116 36.44 13.44 4.45
N GLY B 117 35.69 13.39 3.35
CA GLY B 117 35.93 14.28 2.23
C GLY B 117 35.40 15.69 2.42
N LEU B 118 34.38 15.85 3.26
CA LEU B 118 33.72 17.15 3.39
C LEU B 118 33.96 17.83 4.73
N SER B 119 34.28 17.05 5.76
CA SER B 119 34.56 17.61 7.08
C SER B 119 35.82 18.44 7.03
N SER B 120 35.70 19.73 7.31
CA SER B 120 36.81 20.66 7.18
C SER B 120 37.87 20.38 8.26
N GLU B 121 37.47 19.73 9.34
CA GLU B 121 38.42 19.37 10.38
C GLU B 121 39.19 18.15 9.93
N VAL B 122 38.53 17.21 9.29
CA VAL B 122 39.23 16.03 8.75
C VAL B 122 40.10 16.42 7.55
N VAL B 123 39.60 17.30 6.70
CA VAL B 123 40.35 17.72 5.52
C VAL B 123 41.54 18.56 5.96
N GLY B 124 41.34 19.33 7.01
CA GLY B 124 42.43 20.09 7.60
C GLY B 124 43.04 21.13 6.67
N ASN B 125 42.22 21.71 5.80
CA ASN B 125 42.66 22.73 4.86
C ASN B 125 42.57 24.10 5.51
N LYS B 126 43.71 24.66 5.88
CA LYS B 126 43.75 25.96 6.54
C LYS B 126 43.40 27.07 5.58
N CYS B 127 43.35 26.73 4.29
CA CYS B 127 43.02 27.69 3.25
C CYS B 127 41.52 27.99 3.25
N GLU B 128 40.69 26.98 3.51
CA GLU B 128 39.24 27.13 3.54
C GLU B 128 38.76 27.98 4.70
N GLU B 129 37.98 29.01 4.42
CA GLU B 129 37.48 29.88 5.47
C GLU B 129 36.14 29.36 6.00
N VAL B 130 35.47 28.54 5.20
CA VAL B 130 34.15 28.03 5.56
C VAL B 130 34.22 26.62 6.15
N SER B 131 33.96 26.52 7.45
CA SER B 131 33.99 25.24 8.13
C SER B 131 32.77 24.43 7.75
N CYS B 132 32.94 23.13 7.60
CA CYS B 132 31.83 22.27 7.25
C CYS B 132 31.68 21.17 8.30
N TYR B 133 30.49 21.07 8.86
CA TYR B 133 30.20 20.10 9.90
C TYR B 133 29.18 19.11 9.38
N VAL B 134 29.55 17.84 9.32
CA VAL B 134 28.72 16.85 8.67
C VAL B 134 28.08 15.90 9.68
N MET B 135 26.75 15.81 9.62
CA MET B 135 25.97 14.97 10.51
C MET B 135 25.21 13.89 9.77
N GLY B 136 24.91 12.81 10.48
CA GLY B 136 24.04 11.78 9.97
C GLY B 136 22.65 11.89 10.58
N VAL B 137 21.64 11.76 9.75
CA VAL B 137 20.26 11.86 10.19
C VAL B 137 19.52 10.56 9.87
N PRO B 138 19.22 9.77 10.90
CA PRO B 138 18.54 8.50 10.67
C PRO B 138 17.06 8.73 10.46
N GLY B 139 16.41 7.85 9.70
CA GLY B 139 14.98 7.92 9.52
C GLY B 139 14.57 8.12 8.08
N SER B 140 13.26 8.18 7.85
CA SER B 140 12.73 8.21 6.50
C SER B 140 12.46 9.62 6.02
N PHE B 141 12.89 9.91 4.79
CA PHE B 141 12.68 11.21 4.17
C PHE B 141 11.21 11.49 3.95
N HIS B 142 10.36 10.47 4.12
CA HIS B 142 8.92 10.61 3.88
C HIS B 142 8.26 11.48 4.95
N GLY B 143 8.66 11.31 6.21
CA GLY B 143 8.13 12.13 7.31
C GLY B 143 9.14 13.14 7.87
N ARG B 144 8.91 13.56 9.12
CA ARG B 144 9.76 14.56 9.78
C ARG B 144 11.12 13.98 10.18
N LEU B 145 12.14 14.82 10.11
CA LEU B 145 13.52 14.44 10.43
C LEU B 145 14.20 15.51 11.28
N PHE B 146 13.73 16.76 11.17
CA PHE B 146 14.34 17.90 11.85
C PHE B 146 13.34 18.75 12.60
N PRO B 147 13.82 19.56 13.58
CA PRO B 147 12.99 20.57 14.22
C PRO B 147 12.44 21.59 13.23
N ARG B 148 11.47 22.38 13.67
CA ARG B 148 10.90 23.41 12.82
C ARG B 148 11.97 24.44 12.47
N ASN B 149 11.85 25.05 11.30
CA ASN B 149 12.78 26.09 10.82
C ASN B 149 14.25 25.81 11.09
N SER B 150 14.71 24.65 10.67
CA SER B 150 16.09 24.28 10.90
C SER B 150 16.84 24.10 9.58
N LEU B 151 16.09 24.09 8.48
CA LEU B 151 16.69 23.86 7.16
C LEU B 151 16.61 25.08 6.26
N HIS B 152 17.70 25.34 5.55
CA HIS B 152 17.76 26.46 4.61
C HIS B 152 17.74 25.93 3.19
N LEU B 153 18.35 24.76 3.00
CA LEU B 153 18.46 24.16 1.69
C LEU B 153 18.28 22.65 1.81
N VAL B 154 17.41 22.10 0.97
CA VAL B 154 17.25 20.66 0.91
C VAL B 154 17.62 20.18 -0.48
N HIS B 155 18.44 19.14 -0.56
CA HIS B 155 18.69 18.48 -1.83
C HIS B 155 18.22 17.04 -1.74
N SER B 156 17.62 16.54 -2.81
CA SER B 156 17.22 15.14 -2.87
C SER B 156 17.12 14.68 -4.31
N SER B 157 17.87 13.64 -4.63
CA SER B 157 18.00 13.14 -5.99
C SER B 157 17.58 11.69 -6.06
N TYR B 158 16.56 11.40 -6.86
CA TYR B 158 16.09 10.05 -7.10
C TYR B 158 15.65 9.30 -5.84
N SER B 159 15.00 10.02 -4.94
CA SER B 159 14.43 9.42 -3.75
C SER B 159 12.93 9.63 -3.72
N VAL B 160 12.51 10.79 -4.20
CA VAL B 160 11.16 11.31 -3.97
C VAL B 160 10.09 10.56 -4.78
N HIS B 161 10.54 9.81 -5.79
CA HIS B 161 9.61 9.02 -6.57
C HIS B 161 9.29 7.70 -5.87
N TRP B 162 10.03 7.38 -4.80
CA TRP B 162 9.73 6.20 -4.01
C TRP B 162 8.51 6.46 -3.12
N LEU B 163 7.67 5.44 -3.00
CA LEU B 163 6.46 5.56 -2.20
C LEU B 163 6.67 4.96 -0.81
N THR B 164 5.73 5.20 0.09
CA THR B 164 5.81 4.64 1.43
C THR B 164 5.40 3.17 1.41
N GLN B 165 4.78 2.77 0.30
CA GLN B 165 4.19 1.44 0.15
C GLN B 165 3.64 1.30 -1.26
N ALA B 166 3.32 0.07 -1.65
CA ALA B 166 2.57 -0.13 -2.87
C ALA B 166 1.22 0.56 -2.67
N PRO B 167 0.62 1.08 -3.75
CA PRO B 167 -0.65 1.82 -3.59
C PRO B 167 -1.69 1.03 -2.80
N LYS B 168 -2.36 1.72 -1.88
CA LYS B 168 -3.33 1.07 -1.00
C LYS B 168 -4.48 0.39 -1.75
N GLY B 169 -4.86 0.97 -2.89
CA GLY B 169 -5.93 0.41 -3.70
C GLY B 169 -5.51 -0.90 -4.35
N LEU B 170 -4.21 -1.16 -4.32
CA LEU B 170 -3.63 -2.37 -4.89
C LEU B 170 -3.27 -3.41 -3.82
N THR B 171 -3.39 -3.05 -2.54
CA THR B 171 -3.04 -3.98 -1.49
C THR B 171 -4.26 -4.33 -0.61
N SER B 172 -5.42 -3.86 -1.00
CA SER B 172 -6.65 -4.33 -0.39
C SER B 172 -6.93 -5.74 -0.87
N ARG B 173 -7.84 -6.43 -0.18
CA ARG B 173 -8.15 -7.83 -0.50
C ARG B 173 -8.49 -8.02 -1.98
N GLU B 174 -9.20 -7.07 -2.57
CA GLU B 174 -9.59 -7.17 -3.97
C GLU B 174 -8.66 -6.43 -4.92
N GLY B 175 -7.78 -5.58 -4.37
CA GLY B 175 -6.81 -4.86 -5.17
C GLY B 175 -5.62 -5.74 -5.52
N LEU B 176 -5.40 -6.78 -4.73
CA LEU B 176 -4.33 -7.75 -4.97
C LEU B 176 -4.52 -8.51 -6.28
N ALA B 177 -5.67 -8.32 -6.94
CA ALA B 177 -6.01 -9.09 -8.12
C ALA B 177 -6.03 -8.24 -9.37
N LEU B 178 -5.97 -6.93 -9.20
CA LEU B 178 -6.16 -6.00 -10.31
C LEU B 178 -5.01 -6.05 -11.32
N ASN B 179 -3.77 -6.06 -10.83
CA ASN B 179 -2.61 -5.95 -11.71
C ASN B 179 -1.90 -7.30 -11.85
N LYS B 180 -2.50 -8.15 -12.67
CA LYS B 180 -2.19 -9.58 -12.70
C LYS B 180 -0.73 -9.91 -12.96
N GLY B 181 -0.33 -10.02 -14.21
CA GLY B 181 1.02 -10.50 -14.49
C GLY B 181 2.17 -9.54 -14.29
N LYS B 182 1.94 -8.45 -13.55
CA LYS B 182 2.91 -7.36 -13.48
C LYS B 182 3.27 -6.90 -12.06
N ILE B 183 4.18 -5.95 -11.97
CA ILE B 183 4.58 -5.39 -10.69
C ILE B 183 4.51 -3.86 -10.69
N TYR B 184 3.91 -3.31 -11.74
CA TYR B 184 3.78 -1.87 -11.91
C TYR B 184 2.74 -1.61 -13.00
N ILE B 185 2.38 -0.34 -13.17
CA ILE B 185 1.52 0.09 -14.28
C ILE B 185 1.98 -0.55 -15.58
N SER B 186 1.05 -1.22 -16.27
CA SER B 186 1.35 -1.82 -17.57
C SER B 186 0.22 -1.66 -18.58
N LYS B 187 0.52 -2.01 -19.83
CA LYS B 187 -0.49 -2.02 -20.87
C LYS B 187 -1.59 -3.04 -20.54
N THR B 188 -1.24 -4.08 -19.79
CA THR B 188 -2.21 -5.10 -19.37
C THR B 188 -2.98 -4.67 -18.13
N SER B 189 -2.58 -3.56 -17.52
CA SER B 189 -3.21 -3.10 -16.29
C SER B 189 -4.56 -2.42 -16.54
N PRO B 190 -5.58 -2.82 -15.77
CA PRO B 190 -6.85 -2.08 -15.82
C PRO B 190 -6.63 -0.67 -15.28
N PRO B 191 -7.49 0.29 -15.67
CA PRO B 191 -7.36 1.71 -15.28
C PRO B 191 -7.14 1.92 -13.78
N ALA B 192 -7.70 1.03 -12.97
CA ALA B 192 -7.64 1.15 -11.52
C ALA B 192 -6.21 1.16 -11.02
N VAL B 193 -5.31 0.50 -11.76
CA VAL B 193 -3.91 0.40 -11.36
C VAL B 193 -3.18 1.75 -11.38
N LYS B 194 -3.21 2.45 -12.51
CA LYS B 194 -2.53 3.72 -12.62
C LYS B 194 -3.21 4.77 -11.73
N GLU B 195 -4.53 4.65 -11.58
CA GLU B 195 -5.27 5.53 -10.69
C GLU B 195 -4.76 5.40 -9.26
N ALA B 196 -4.70 4.16 -8.79
CA ALA B 196 -4.18 3.86 -7.46
C ALA B 196 -2.77 4.44 -7.26
N TYR B 197 -1.90 4.24 -8.25
CA TYR B 197 -0.53 4.74 -8.17
C TYR B 197 -0.48 6.27 -8.05
N LEU B 198 -1.22 6.97 -8.90
CA LEU B 198 -1.26 8.44 -8.83
C LEU B 198 -1.78 8.90 -7.46
N SER B 199 -2.84 8.26 -7.01
CA SER B 199 -3.41 8.54 -5.70
C SER B 199 -2.38 8.33 -4.58
N GLN B 200 -1.66 7.22 -4.62
CA GLN B 200 -0.64 6.94 -3.62
C GLN B 200 0.51 7.94 -3.67
N PHE B 201 0.92 8.29 -4.88
CA PHE B 201 1.94 9.30 -5.05
C PHE B 201 1.49 10.64 -4.46
N HIS B 202 0.26 11.05 -4.81
CA HIS B 202 -0.32 12.29 -4.31
C HIS B 202 -0.22 12.33 -2.80
N GLU B 203 -0.69 11.28 -2.15
CA GLU B 203 -0.58 11.13 -0.70
C GLU B 203 0.87 11.18 -0.19
N ASP B 204 1.74 10.32 -0.70
CA ASP B 204 3.09 10.22 -0.14
C ASP B 204 3.92 11.47 -0.42
N PHE B 205 3.84 12.01 -1.62
CA PHE B 205 4.56 13.22 -1.96
C PHE B 205 4.06 14.44 -1.15
N THR B 206 2.75 14.52 -0.92
CA THR B 206 2.20 15.59 -0.08
C THR B 206 2.69 15.46 1.36
N MET B 207 2.82 14.23 1.83
CA MET B 207 3.39 13.94 3.15
C MET B 207 4.78 14.56 3.24
N PHE B 208 5.59 14.28 2.22
CA PHE B 208 6.93 14.81 2.12
C PHE B 208 6.92 16.32 2.18
N LEU B 209 6.20 16.93 1.23
CA LEU B 209 6.04 18.37 1.17
C LEU B 209 5.59 18.95 2.52
N ASN B 210 4.59 18.34 3.13
CA ASN B 210 4.11 18.75 4.45
C ASN B 210 5.20 18.74 5.51
N ALA B 211 5.96 17.64 5.56
CA ALA B 211 7.05 17.48 6.50
C ALA B 211 8.12 18.54 6.31
N ARG B 212 8.56 18.70 5.07
CA ARG B 212 9.58 19.69 4.74
C ARG B 212 9.10 21.09 5.08
N SER B 213 7.82 21.33 4.87
CA SER B 213 7.22 22.65 5.09
C SER B 213 7.37 23.10 6.54
N GLN B 214 7.31 22.16 7.46
CA GLN B 214 7.55 22.43 8.87
C GLN B 214 9.01 22.80 9.14
N GLU B 215 9.93 22.21 8.37
CA GLU B 215 11.34 22.25 8.70
C GLU B 215 12.13 23.25 7.89
N VAL B 216 11.70 23.50 6.65
CA VAL B 216 12.37 24.49 5.83
C VAL B 216 11.91 25.88 6.23
N VAL B 217 12.90 26.68 6.57
CA VAL B 217 12.78 28.09 6.87
C VAL B 217 12.04 28.88 5.78
N PRO B 218 11.36 29.97 6.15
CA PRO B 218 10.79 30.88 5.15
C PRO B 218 11.83 31.36 4.14
N ASN B 219 11.49 31.26 2.85
CA ASN B 219 12.39 31.56 1.72
C ASN B 219 13.47 30.51 1.48
N GLY B 220 13.50 29.47 2.32
CA GLY B 220 14.39 28.35 2.10
C GLY B 220 14.12 27.69 0.76
N CYS B 221 15.09 26.91 0.28
CA CYS B 221 15.00 26.24 -1.02
C CYS B 221 15.01 24.74 -0.91
N MET B 222 14.50 24.09 -1.94
CA MET B 222 14.46 22.64 -2.03
C MET B 222 14.75 22.29 -3.48
N VAL B 223 15.76 21.47 -3.70
CA VAL B 223 16.11 21.04 -5.04
C VAL B 223 15.88 19.55 -5.13
N LEU B 224 14.79 19.16 -5.77
CA LEU B 224 14.41 17.76 -5.92
C LEU B 224 14.63 17.28 -7.33
N ILE B 225 15.27 16.13 -7.44
CA ILE B 225 15.38 15.44 -8.72
C ILE B 225 14.75 14.05 -8.58
N LEU B 226 13.95 13.65 -9.55
CA LEU B 226 13.29 12.36 -9.46
C LEU B 226 13.10 11.71 -10.82
N HIS B 227 12.83 10.40 -10.79
CA HIS B 227 12.55 9.62 -11.98
C HIS B 227 11.08 9.86 -12.37
N GLY B 228 10.86 10.38 -13.57
CA GLY B 228 9.53 10.72 -14.04
C GLY B 228 9.23 10.08 -15.38
N ARG B 229 8.40 10.75 -16.19
CA ARG B 229 8.09 10.25 -17.54
C ARG B 229 7.71 11.40 -18.49
N GLN B 230 7.76 11.14 -19.79
CA GLN B 230 7.38 12.11 -20.83
C GLN B 230 5.89 12.11 -21.13
N SER B 231 5.35 10.92 -21.39
CA SER B 231 3.98 10.79 -21.88
C SER B 231 2.96 10.85 -20.74
N SER B 232 1.76 11.30 -21.05
CA SER B 232 0.73 11.45 -20.04
C SER B 232 0.26 10.08 -19.58
N ASP B 233 0.30 9.12 -20.50
CA ASP B 233 -0.06 7.73 -20.20
C ASP B 233 1.07 7.00 -19.50
N PRO B 234 0.83 6.54 -18.26
CA PRO B 234 1.87 5.84 -17.49
C PRO B 234 2.20 4.44 -18.02
N SER B 235 1.31 3.85 -18.82
CA SER B 235 1.53 2.49 -19.29
C SER B 235 2.55 2.46 -20.42
N GLU B 236 2.85 3.63 -20.95
CA GLU B 236 3.80 3.78 -22.05
C GLU B 236 5.15 3.19 -21.66
N MET B 237 5.80 2.53 -22.61
CA MET B 237 7.05 1.80 -22.34
C MET B 237 8.10 2.70 -21.70
N GLU B 238 8.29 3.87 -22.28
CA GLU B 238 9.24 4.86 -21.78
C GLU B 238 9.05 5.16 -20.28
N SER B 239 7.83 4.99 -19.81
CA SER B 239 7.50 5.26 -18.41
C SER B 239 7.79 4.07 -17.50
N CYS B 240 7.64 2.85 -18.01
CA CYS B 240 7.58 1.68 -17.16
C CYS B 240 8.57 0.55 -17.49
N PHE B 241 9.41 0.76 -18.49
CA PHE B 241 10.20 -0.34 -19.08
C PHE B 241 10.97 -1.21 -18.08
N THR B 242 11.62 -0.57 -17.10
CA THR B 242 12.43 -1.29 -16.12
C THR B 242 11.59 -2.30 -15.34
N TRP B 243 10.44 -1.84 -14.83
CA TRP B 243 9.49 -2.66 -14.09
C TRP B 243 8.77 -3.67 -15.00
N GLU B 244 8.56 -3.31 -16.24
CA GLU B 244 7.91 -4.20 -17.18
C GLU B 244 8.83 -5.35 -17.45
N LEU B 245 10.09 -5.06 -17.70
CA LEU B 245 11.07 -6.10 -17.98
C LEU B 245 11.32 -6.99 -16.81
N LEU B 246 11.26 -6.45 -15.63
CA LEU B 246 11.47 -7.29 -14.45
C LEU B 246 10.32 -8.27 -14.30
N ALA B 247 9.11 -7.81 -14.58
CA ALA B 247 7.93 -8.66 -14.51
C ALA B 247 8.02 -9.80 -15.54
N ILE B 248 8.48 -9.45 -16.74
CA ILE B 248 8.68 -10.45 -17.78
C ILE B 248 9.71 -11.49 -17.34
N ALA B 249 10.75 -11.04 -16.66
CA ALA B 249 11.77 -11.95 -16.15
C ALA B 249 11.17 -12.86 -15.08
N ILE B 250 10.44 -12.28 -14.14
CA ILE B 250 9.80 -13.04 -13.07
C ILE B 250 8.81 -14.06 -13.66
N ALA B 251 8.03 -13.63 -14.64
CA ALA B 251 7.08 -14.51 -15.32
C ALA B 251 7.78 -15.66 -16.02
N GLU B 252 9.01 -15.44 -16.49
CA GLU B 252 9.79 -16.51 -17.11
C GLU B 252 10.05 -17.61 -16.10
N LEU B 253 10.60 -17.23 -14.96
CA LEU B 253 10.89 -18.18 -13.89
C LEU B 253 9.60 -18.81 -13.37
N VAL B 254 8.51 -18.04 -13.39
CA VAL B 254 7.20 -18.56 -13.02
C VAL B 254 6.76 -19.70 -13.95
N SER B 255 6.91 -19.48 -15.25
CA SER B 255 6.55 -20.49 -16.25
C SER B 255 7.48 -21.69 -16.16
N GLN B 256 8.73 -21.44 -15.76
CA GLN B 256 9.70 -22.51 -15.57
C GLN B 256 9.51 -23.22 -14.24
N GLY B 257 8.52 -22.77 -13.46
CA GLY B 257 8.17 -23.42 -12.21
C GLY B 257 9.09 -23.11 -11.04
N LEU B 258 9.76 -21.97 -11.10
CA LEU B 258 10.72 -21.61 -10.04
C LEU B 258 10.21 -20.48 -9.14
N ILE B 259 9.17 -19.76 -9.57
CA ILE B 259 8.55 -18.71 -8.77
C ILE B 259 7.04 -18.90 -8.73
N ASP B 260 6.44 -18.64 -7.58
CA ASP B 260 5.06 -19.05 -7.29
C ASP B 260 3.94 -18.32 -8.03
N GLU B 261 4.25 -17.21 -8.71
CA GLU B 261 3.26 -16.43 -9.45
C GLU B 261 2.23 -15.78 -8.52
N ASP B 262 2.26 -16.19 -7.26
CA ASP B 262 1.28 -15.79 -6.28
C ASP B 262 1.10 -14.26 -6.11
N LYS B 263 2.07 -13.39 -5.76
CA LYS B 263 3.56 -13.37 -5.68
C LYS B 263 4.01 -12.45 -6.81
N LEU B 264 3.69 -12.82 -8.04
CA LEU B 264 3.78 -11.87 -9.15
C LEU B 264 2.47 -11.08 -9.19
N ASP B 265 1.36 -11.82 -9.08
CA ASP B 265 0.03 -11.25 -9.23
C ASP B 265 -0.39 -10.35 -8.07
N THR B 266 0.16 -10.58 -6.87
CA THR B 266 -0.21 -9.77 -5.71
C THR B 266 0.78 -8.67 -5.40
N PHE B 267 1.96 -8.73 -6.01
CA PHE B 267 3.02 -7.78 -5.69
C PHE B 267 3.03 -6.60 -6.66
N ASN B 268 3.03 -5.40 -6.09
CA ASN B 268 3.29 -4.20 -6.86
C ASN B 268 4.33 -3.33 -6.18
N VAL B 269 5.09 -2.64 -7.01
CA VAL B 269 6.23 -1.85 -6.59
C VAL B 269 5.82 -0.57 -5.84
N PRO B 270 6.52 -0.27 -4.73
CA PRO B 270 6.31 0.97 -3.97
C PRO B 270 7.02 2.17 -4.63
N SER B 271 6.72 2.44 -5.88
CA SER B 271 7.36 3.48 -6.63
C SER B 271 6.50 4.05 -7.74
N TYR B 272 6.61 5.34 -8.01
CA TYR B 272 5.84 5.97 -9.08
C TYR B 272 6.70 6.99 -9.84
N PHE B 273 6.61 6.95 -11.17
CA PHE B 273 7.30 7.91 -12.01
C PHE B 273 6.28 8.90 -12.56
N PRO B 274 6.19 10.08 -11.95
CA PRO B 274 5.15 11.04 -12.34
C PRO B 274 5.53 11.83 -13.58
N SER B 275 4.54 12.48 -14.18
CA SER B 275 4.79 13.44 -15.23
C SER B 275 5.04 14.81 -14.62
N LEU B 276 5.51 15.75 -15.44
CA LEU B 276 5.68 17.13 -14.99
C LEU B 276 4.38 17.68 -14.42
N GLU B 277 3.31 17.50 -15.18
CA GLU B 277 2.01 18.03 -14.83
C GLU B 277 1.52 17.51 -13.48
N GLU B 278 1.72 16.21 -13.24
CA GLU B 278 1.34 15.62 -11.97
C GLU B 278 2.12 16.22 -10.81
N VAL B 279 3.43 16.36 -10.97
CA VAL B 279 4.27 17.00 -9.95
C VAL B 279 3.81 18.44 -9.67
N LYS B 280 3.61 19.22 -10.74
CA LYS B 280 3.11 20.60 -10.63
C LYS B 280 1.80 20.68 -9.86
N ASP B 281 0.83 19.88 -10.28
CA ASP B 281 -0.48 19.77 -9.64
C ASP B 281 -0.40 19.57 -8.12
N ILE B 282 0.40 18.62 -7.70
CA ILE B 282 0.51 18.25 -6.30
C ILE B 282 1.18 19.36 -5.50
N VAL B 283 2.28 19.88 -6.02
CA VAL B 283 2.97 20.99 -5.38
C VAL B 283 2.04 22.20 -5.27
N GLU B 284 1.28 22.50 -6.32
CA GLU B 284 0.38 23.64 -6.31
C GLU B 284 -0.82 23.44 -5.36
N ARG B 285 -1.34 22.21 -5.27
CA ARG B 285 -2.46 21.92 -4.37
C ARG B 285 -2.05 22.14 -2.91
N ASP B 286 -0.92 21.55 -2.53
CA ASP B 286 -0.24 21.87 -1.28
C ASP B 286 0.14 23.34 -1.35
N GLY B 287 -0.04 24.08 -0.28
CA GLY B 287 0.18 25.52 -0.39
C GLY B 287 1.58 26.02 -0.09
N SER B 288 2.40 25.13 0.45
CA SER B 288 3.60 25.50 1.20
C SER B 288 4.77 26.04 0.38
N PHE B 289 4.98 25.48 -0.81
CA PHE B 289 6.12 25.87 -1.62
C PHE B 289 5.72 26.48 -2.95
N THR B 290 6.58 27.35 -3.44
CA THR B 290 6.46 27.98 -4.74
C THR B 290 7.37 27.27 -5.74
N ILE B 291 6.86 26.98 -6.93
CA ILE B 291 7.69 26.38 -7.96
C ILE B 291 8.60 27.44 -8.60
N ASP B 292 9.89 27.37 -8.30
CA ASP B 292 10.85 28.27 -8.95
C ASP B 292 11.25 27.72 -10.31
N HIS B 293 11.33 26.39 -10.41
CA HIS B 293 11.78 25.73 -11.63
C HIS B 293 11.20 24.33 -11.69
N LEU B 294 10.62 23.98 -12.84
CA LEU B 294 10.10 22.65 -13.07
C LEU B 294 10.53 22.25 -14.48
N GLU B 295 11.38 21.24 -14.56
CA GLU B 295 12.00 20.87 -15.82
C GLU B 295 12.09 19.36 -15.92
N GLY B 296 11.89 18.85 -17.14
CA GLY B 296 12.12 17.45 -17.42
C GLY B 296 13.25 17.39 -18.44
N PHE B 297 14.03 16.32 -18.39
CA PHE B 297 15.05 16.11 -19.42
C PHE B 297 15.27 14.62 -19.62
N GLU B 298 15.62 14.24 -20.84
CA GLU B 298 15.81 12.83 -21.15
C GLU B 298 17.28 12.46 -21.26
N LEU B 299 17.58 11.22 -20.89
CA LEU B 299 18.91 10.66 -21.02
C LEU B 299 18.83 9.21 -21.48
N ASP B 300 19.88 8.73 -22.13
CA ASP B 300 19.96 7.34 -22.51
C ASP B 300 19.98 6.46 -21.27
N SER B 301 19.30 5.32 -21.34
CA SER B 301 19.17 4.47 -20.17
C SER B 301 20.33 3.49 -20.04
N LEU B 302 21.02 3.23 -21.15
CA LEU B 302 22.24 2.42 -21.14
C LEU B 302 23.40 3.15 -21.78
N GLU B 303 24.61 2.80 -21.33
CA GLU B 303 25.84 3.31 -21.91
C GLU B 303 25.92 2.99 -23.41
N MET B 304 25.36 3.86 -24.24
CA MET B 304 25.28 3.62 -25.68
C MET B 304 26.64 3.72 -26.38
N GLN B 305 27.64 4.23 -25.66
CA GLN B 305 29.00 4.30 -26.19
C GLN B 305 29.66 2.93 -26.12
N GLU B 306 29.07 2.04 -25.32
CA GLU B 306 29.60 0.68 -25.15
C GLU B 306 29.27 -0.17 -26.37
N ASN B 307 30.33 -0.74 -26.97
CA ASN B 307 30.20 -1.54 -28.19
C ASN B 307 29.71 -2.95 -27.93
N ASP B 308 30.17 -3.56 -26.84
CA ASP B 308 29.73 -4.90 -26.47
C ASP B 308 28.28 -4.83 -25.99
N LYS B 309 27.38 -5.41 -26.77
CA LYS B 309 25.95 -5.39 -26.46
C LYS B 309 25.64 -6.09 -25.14
N TRP B 310 26.51 -7.01 -24.72
CA TRP B 310 26.33 -7.67 -23.43
C TRP B 310 26.82 -6.80 -22.28
N VAL B 311 27.99 -6.20 -22.46
CA VAL B 311 28.57 -5.33 -21.44
C VAL B 311 27.68 -4.12 -21.22
N ARG B 312 26.97 -3.72 -22.27
CA ARG B 312 26.08 -2.57 -22.18
C ARG B 312 24.90 -2.86 -21.26
N GLY B 313 24.23 -3.98 -21.53
CA GLY B 313 23.06 -4.36 -20.75
C GLY B 313 23.42 -4.86 -19.37
N ASP B 314 24.57 -5.51 -19.26
CA ASP B 314 25.03 -6.02 -17.98
C ASP B 314 25.28 -4.88 -17.01
N LYS B 315 25.86 -3.79 -17.53
CA LYS B 315 26.12 -2.62 -16.71
C LYS B 315 24.80 -1.99 -16.28
N PHE B 316 23.86 -1.91 -17.22
CA PHE B 316 22.52 -1.41 -16.94
C PHE B 316 21.82 -2.26 -15.90
N ALA B 317 21.90 -3.57 -16.07
CA ALA B 317 21.22 -4.51 -15.19
C ALA B 317 21.81 -4.42 -13.78
N LYS B 318 23.13 -4.30 -13.70
CA LYS B 318 23.82 -4.16 -12.43
C LYS B 318 23.30 -2.94 -11.64
N MET B 319 23.12 -1.82 -12.34
CA MET B 319 22.57 -0.61 -11.72
C MET B 319 21.13 -0.85 -11.26
N VAL B 320 20.32 -1.43 -12.15
CA VAL B 320 18.96 -1.82 -11.83
C VAL B 320 18.91 -2.72 -10.60
N ARG B 321 19.81 -3.69 -10.55
CA ARG B 321 19.85 -4.62 -9.42
C ARG B 321 20.19 -3.91 -8.12
N ALA B 322 21.08 -2.94 -8.20
CA ALA B 322 21.56 -2.23 -7.02
C ALA B 322 20.44 -1.43 -6.39
N PHE B 323 19.54 -0.93 -7.20
CA PHE B 323 18.45 -0.12 -6.71
C PHE B 323 17.17 -0.86 -6.43
N THR B 324 17.06 -2.07 -6.93
CA THR B 324 15.80 -2.80 -6.87
C THR B 324 15.84 -4.10 -6.07
N GLU B 325 17.02 -4.68 -5.90
CA GLU B 325 17.14 -5.96 -5.18
C GLU B 325 16.55 -5.94 -3.76
N PRO B 326 16.71 -4.84 -2.99
CA PRO B 326 16.06 -4.81 -1.68
C PRO B 326 14.56 -5.15 -1.71
N ILE B 327 13.76 -4.45 -2.51
CA ILE B 327 12.33 -4.74 -2.53
C ILE B 327 12.06 -6.09 -3.22
N ILE B 328 12.88 -6.46 -4.19
CA ILE B 328 12.61 -7.65 -4.98
C ILE B 328 12.99 -8.93 -4.26
N SER B 329 14.18 -8.99 -3.67
CA SER B 329 14.60 -10.20 -2.96
C SER B 329 13.73 -10.42 -1.74
N ASN B 330 13.25 -9.32 -1.17
CA ASN B 330 12.33 -9.40 -0.04
C ASN B 330 11.05 -10.10 -0.42
N GLN B 331 10.64 -9.89 -1.66
CA GLN B 331 9.43 -10.49 -2.20
C GLN B 331 9.58 -11.96 -2.62
N PHE B 332 10.67 -12.28 -3.33
CA PHE B 332 10.82 -13.60 -3.95
C PHE B 332 11.91 -14.48 -3.36
N GLY B 333 12.59 -14.00 -2.34
CA GLY B 333 13.69 -14.76 -1.75
C GLY B 333 15.01 -14.36 -2.39
N HIS B 334 16.11 -14.67 -1.72
CA HIS B 334 17.41 -14.23 -2.20
C HIS B 334 18.09 -15.29 -3.06
N GLU B 335 17.65 -16.53 -2.92
CA GLU B 335 18.28 -17.66 -3.61
C GLU B 335 17.90 -17.71 -5.10
N ILE B 336 17.10 -16.75 -5.54
CA ILE B 336 16.60 -16.71 -6.91
C ILE B 336 16.99 -15.41 -7.60
N MET B 337 17.72 -14.55 -6.89
CA MET B 337 18.06 -13.22 -7.41
C MET B 337 19.08 -13.28 -8.53
N ASP B 338 19.98 -14.26 -8.46
CA ASP B 338 20.98 -14.44 -9.50
C ASP B 338 20.31 -14.85 -10.80
N LYS B 339 19.54 -15.94 -10.75
CA LYS B 339 18.82 -16.43 -11.92
C LYS B 339 17.80 -15.43 -12.44
N LEU B 340 17.31 -14.56 -11.57
CA LEU B 340 16.31 -13.57 -11.97
C LEU B 340 16.92 -12.42 -12.74
N TYR B 341 18.00 -11.85 -12.21
CA TYR B 341 18.65 -10.71 -12.86
C TYR B 341 19.45 -11.16 -14.07
N ASP B 342 19.79 -12.43 -14.11
CA ASP B 342 20.40 -12.98 -15.31
C ASP B 342 19.37 -12.96 -16.45
N LYS B 343 18.15 -13.41 -16.16
CA LYS B 343 17.11 -13.46 -17.18
C LYS B 343 16.77 -12.05 -17.63
N PHE B 344 16.83 -11.12 -16.68
CA PHE B 344 16.58 -9.71 -16.94
C PHE B 344 17.60 -9.18 -17.94
N THR B 345 18.88 -9.52 -17.72
CA THR B 345 19.95 -9.10 -18.62
C THR B 345 19.79 -9.73 -20.00
N HIS B 346 19.39 -10.99 -20.04
CA HIS B 346 19.20 -11.68 -21.31
C HIS B 346 18.09 -11.06 -22.13
N ILE B 347 17.02 -10.62 -21.46
CA ILE B 347 15.92 -9.92 -22.12
C ILE B 347 16.40 -8.60 -22.70
N VAL B 348 17.14 -7.84 -21.91
CA VAL B 348 17.71 -6.57 -22.37
C VAL B 348 18.65 -6.78 -23.55
N VAL B 349 19.61 -7.69 -23.39
CA VAL B 349 20.63 -7.92 -24.42
C VAL B 349 20.03 -8.56 -25.68
N SER B 350 19.46 -9.75 -25.53
CA SER B 350 18.94 -10.48 -26.69
C SER B 350 17.64 -9.90 -27.22
N ASP B 351 16.60 -9.90 -26.39
CA ASP B 351 15.26 -9.57 -26.83
C ASP B 351 15.08 -8.11 -27.25
N LEU B 352 15.95 -7.23 -26.76
CA LEU B 352 15.81 -5.79 -27.05
C LEU B 352 17.03 -5.19 -27.74
N GLU B 353 17.96 -6.04 -28.15
CA GLU B 353 19.17 -5.62 -28.86
C GLU B 353 19.92 -4.53 -28.12
N ALA B 354 19.94 -4.63 -26.79
CA ALA B 354 20.68 -3.72 -25.91
C ALA B 354 20.26 -2.27 -26.09
N GLU B 355 18.99 -2.06 -26.43
CA GLU B 355 18.45 -0.72 -26.57
C GLU B 355 17.19 -0.55 -25.74
N LEU B 356 17.03 0.61 -25.13
CA LEU B 356 15.89 0.87 -24.25
C LEU B 356 15.35 2.28 -24.53
N PRO B 357 14.12 2.56 -24.06
CA PRO B 357 13.64 3.94 -24.15
C PRO B 357 14.44 4.87 -23.24
N LYS B 358 14.43 6.16 -23.50
CA LYS B 358 15.21 7.10 -22.68
C LYS B 358 14.48 7.35 -21.36
N THR B 359 15.26 7.51 -20.29
CA THR B 359 14.71 7.79 -18.97
C THR B 359 14.51 9.29 -18.76
N THR B 360 13.32 9.68 -18.30
CA THR B 360 13.02 11.08 -18.05
C THR B 360 13.24 11.42 -16.58
N SER B 361 14.01 12.47 -16.32
CA SER B 361 14.23 12.95 -14.96
C SER B 361 13.56 14.29 -14.76
N ILE B 362 13.01 14.51 -13.58
CA ILE B 362 12.37 15.79 -13.29
C ILE B 362 13.19 16.58 -12.29
N ILE B 363 13.43 17.85 -12.61
CA ILE B 363 14.09 18.80 -11.71
C ILE B 363 13.07 19.79 -11.17
N LEU B 364 12.90 19.79 -9.85
CA LEU B 364 11.89 20.60 -9.19
C LEU B 364 12.57 21.49 -8.15
N VAL B 365 12.64 22.79 -8.42
CA VAL B 365 13.17 23.71 -7.43
C VAL B 365 12.03 24.47 -6.76
N LEU B 366 12.02 24.43 -5.44
CA LEU B 366 10.94 24.97 -4.61
C LEU B 366 11.44 26.03 -3.65
N SER B 367 10.58 27.00 -3.32
CA SER B 367 10.87 27.96 -2.27
C SER B 367 9.73 28.03 -1.27
N LYS B 368 10.09 28.03 0.01
CA LYS B 368 9.12 28.11 1.10
C LYS B 368 8.50 29.50 1.18
N ILE B 369 7.17 29.55 1.09
CA ILE B 369 6.48 30.83 1.11
C ILE B 369 6.42 31.37 2.52
N VAL B 370 6.34 32.68 2.66
CA VAL B 370 6.30 33.30 3.96
C VAL B 370 4.83 33.58 4.30
N GLY B 371 4.36 33.04 5.43
CA GLY B 371 5.19 32.23 6.31
C GLY B 371 5.81 33.07 7.42
#